data_6PTA
#
_entry.id   6PTA
#
_cell.length_a   86.801
_cell.length_b   42.285
_cell.length_c   90.343
_cell.angle_alpha   90.000
_cell.angle_beta   93.699
_cell.angle_gamma   90.000
#
_symmetry.space_group_name_H-M   'P 1 2 1'
#
loop_
_entity.id
_entity.type
_entity.pdbx_description
1 polymer 'ADP-ribosylation factor'
2 non-polymer "GUANOSINE-5'-DIPHOSPHATE"
3 water water
#
_entity_poly.entity_id   1
_entity_poly.type   'polypeptide(L)'
_entity_poly.pdbx_seq_one_letter_code
;MGLTISKLFASLLGRREMRILMVGLDAAGKTTILYKLKLGEIVTTIPTIGFNVETVEYKNISFTVWDVGGQDKIRPLWRY
YFQNTQGIIFVVDSNDRDRINEAREELQSMLNEDELKDAVLLVLANKQDLPNAMNAAEITEKMGLHSIRNRPWFIQATCA
TTGDGLYEGLEWLSNQVGK
;
_entity_poly.pdbx_strand_id   A,B,C,D
#
loop_
_chem_comp.id
_chem_comp.type
_chem_comp.name
_chem_comp.formula
GDP RNA linking GUANOSINE-5'-DIPHOSPHATE 'C10 H15 N5 O11 P2'
#
# COMPACT_ATOMS: atom_id res chain seq x y z
N LEU A 8 -31.79 -7.18 11.17
CA LEU A 8 -30.86 -6.64 10.18
C LEU A 8 -29.42 -6.92 10.56
N PHE A 9 -28.53 -7.01 9.56
CA PHE A 9 -27.09 -7.31 9.76
C PHE A 9 -26.25 -6.17 10.23
N ALA A 10 -26.74 -4.98 10.08
CA ALA A 10 -26.00 -3.86 10.67
C ALA A 10 -26.02 -3.91 12.19
N SER A 11 -27.16 -4.29 12.77
CA SER A 11 -27.28 -4.36 14.22
C SER A 11 -26.52 -5.53 14.81
N LEU A 12 -26.22 -6.56 14.01
CA LEU A 12 -25.51 -7.75 14.50
C LEU A 12 -24.11 -7.39 14.93
N LEU A 13 -23.36 -6.74 14.05
CA LEU A 13 -21.99 -6.34 14.34
C LEU A 13 -21.96 -5.07 15.18
N GLY A 14 -23.00 -4.87 15.97
CA GLY A 14 -23.10 -3.70 16.83
C GLY A 14 -22.16 -3.79 18.03
N GLU A 17 -14.70 -5.25 14.75
CA GLU A 17 -13.49 -5.97 14.42
C GLU A 17 -12.93 -5.27 13.19
N MET A 18 -11.77 -4.61 13.31
CA MET A 18 -11.35 -3.64 12.26
C MET A 18 -11.30 -4.19 10.90
N ARG A 19 -10.88 -5.41 10.76
CA ARG A 19 -10.88 -6.01 9.43
C ARG A 19 -11.36 -7.45 9.49
N ILE A 20 -12.33 -7.77 8.65
CA ILE A 20 -12.79 -9.14 8.44
C ILE A 20 -12.36 -9.55 7.04
N LEU A 21 -11.41 -10.48 6.96
CA LEU A 21 -10.88 -10.94 5.69
C LEU A 21 -11.69 -12.13 5.21
N MET A 22 -12.36 -11.99 4.06
CA MET A 22 -13.15 -13.06 3.47
C MET A 22 -12.46 -13.49 2.19
N VAL A 23 -11.94 -14.72 2.17
CA VAL A 23 -11.17 -15.23 1.05
C VAL A 23 -11.70 -16.61 0.67
N GLY A 24 -11.13 -17.14 -0.41
CA GLY A 24 -11.54 -18.42 -0.97
C GLY A 24 -11.27 -18.44 -2.45
N LEU A 25 -11.44 -19.63 -3.04
CA LEU A 25 -11.27 -19.76 -4.48
C LEU A 25 -12.27 -18.89 -5.21
N ASP A 26 -11.98 -18.62 -6.49
CA ASP A 26 -12.89 -17.85 -7.31
C ASP A 26 -14.19 -18.63 -7.55
N ALA A 27 -15.27 -17.89 -7.79
CA ALA A 27 -16.61 -18.44 -8.01
C ALA A 27 -17.15 -19.16 -6.78
N ALA A 28 -16.58 -18.91 -5.60
CA ALA A 28 -17.11 -19.52 -4.38
C ALA A 28 -18.33 -18.78 -3.85
N GLY A 29 -18.55 -17.54 -4.26
CA GLY A 29 -19.68 -16.76 -3.82
C GLY A 29 -19.35 -15.59 -2.90
N LYS A 30 -18.09 -15.19 -2.80
CA LYS A 30 -17.70 -14.14 -1.86
C LYS A 30 -18.30 -12.80 -2.27
N THR A 31 -18.28 -12.48 -3.56
CA THR A 31 -18.90 -11.24 -4.01
C THR A 31 -20.40 -11.22 -3.71
N THR A 32 -21.05 -12.39 -3.84
CA THR A 32 -22.47 -12.46 -3.55
C THR A 32 -22.75 -12.25 -2.05
N ILE A 33 -21.96 -12.89 -1.19
CA ILE A 33 -22.10 -12.67 0.25
C ILE A 33 -21.88 -11.20 0.59
N LEU A 34 -20.87 -10.59 -0.03
CA LEU A 34 -20.63 -9.16 0.18
C LEU A 34 -21.86 -8.34 -0.16
N TYR A 35 -22.45 -8.59 -1.33
CA TYR A 35 -23.64 -7.85 -1.73
C TYR A 35 -24.82 -8.14 -0.81
N LYS A 36 -24.88 -9.34 -0.24
CA LYS A 36 -25.99 -9.70 0.64
C LYS A 36 -25.91 -9.02 1.99
N LEU A 37 -24.74 -8.51 2.38
CA LEU A 37 -24.60 -7.88 3.69
C LEU A 37 -25.37 -6.56 3.77
N LYS A 38 -25.50 -5.86 2.64
CA LYS A 38 -26.18 -4.57 2.60
C LYS A 38 -25.58 -3.60 3.61
N LEU A 39 -24.25 -3.50 3.60
CA LEU A 39 -23.51 -2.61 4.48
C LEU A 39 -22.80 -1.50 3.73
N GLY A 40 -23.08 -1.34 2.44
CA GLY A 40 -22.44 -0.33 1.64
C GLY A 40 -21.94 -0.88 0.32
N GLU A 41 -21.49 0.04 -0.52
CA GLU A 41 -21.07 -0.32 -1.87
C GLU A 41 -19.85 -1.23 -1.85
N ILE A 42 -19.80 -2.15 -2.81
CA ILE A 42 -18.62 -2.98 -3.03
C ILE A 42 -17.66 -2.19 -3.90
N VAL A 43 -16.55 -1.76 -3.32
CA VAL A 43 -15.53 -0.99 -4.03
C VAL A 43 -14.36 -1.92 -4.34
N THR A 44 -13.95 -1.95 -5.61
CA THR A 44 -12.88 -2.82 -6.07
C THR A 44 -11.67 -1.98 -6.46
N THR A 45 -10.52 -2.33 -5.90
CA THR A 45 -9.27 -1.62 -6.16
C THR A 45 -8.21 -2.61 -6.64
N ILE A 46 -7.24 -2.09 -7.38
CA ILE A 46 -6.10 -2.88 -7.83
C ILE A 46 -4.86 -2.31 -7.15
N PRO A 47 -4.52 -2.74 -5.94
CA PRO A 47 -3.32 -2.20 -5.28
C PRO A 47 -2.06 -2.45 -6.08
N THR A 48 -1.81 -3.69 -6.46
CA THR A 48 -0.75 -4.04 -7.39
C THR A 48 -1.35 -4.87 -8.51
N ILE A 49 -0.56 -5.03 -9.57
CA ILE A 49 -1.05 -5.68 -10.78
C ILE A 49 -1.43 -7.13 -10.51
N GLY A 50 -2.58 -7.53 -11.03
CA GLY A 50 -3.06 -8.89 -10.85
C GLY A 50 -3.60 -9.22 -9.48
N PHE A 51 -3.88 -8.22 -8.67
CA PHE A 51 -4.38 -8.40 -7.30
C PHE A 51 -5.65 -7.57 -7.15
N ASN A 52 -6.80 -8.21 -7.35
CA ASN A 52 -8.09 -7.54 -7.24
C ASN A 52 -8.62 -7.69 -5.82
N VAL A 53 -9.10 -6.59 -5.25
CA VAL A 53 -9.59 -6.55 -3.87
C VAL A 53 -10.94 -5.86 -3.85
N GLU A 54 -11.92 -6.49 -3.19
CA GLU A 54 -13.24 -5.91 -3.00
C GLU A 54 -13.43 -5.57 -1.54
N THR A 55 -13.93 -4.36 -1.26
CA THR A 55 -13.99 -3.84 0.09
C THR A 55 -15.36 -3.24 0.39
N VAL A 56 -15.83 -3.44 1.62
CA VAL A 56 -17.05 -2.83 2.12
C VAL A 56 -16.74 -2.28 3.51
N GLU A 57 -16.75 -0.96 3.64
CA GLU A 57 -16.46 -0.29 4.91
C GLU A 57 -17.78 0.19 5.50
N TYR A 58 -18.29 -0.54 6.48
CA TYR A 58 -19.47 -0.14 7.24
C TYR A 58 -18.99 0.46 8.56
N LYS A 59 -19.11 1.75 8.66
CA LYS A 59 -18.62 2.40 9.82
C LYS A 59 -17.19 1.96 9.81
N ASN A 60 -16.80 1.49 11.00
CA ASN A 60 -15.47 0.96 11.39
C ASN A 60 -15.00 -0.44 10.94
N ILE A 61 -15.92 -1.23 10.45
CA ILE A 61 -15.61 -2.60 10.05
C ILE A 61 -15.27 -2.59 8.56
N SER A 62 -14.18 -3.27 8.21
CA SER A 62 -13.69 -3.32 6.84
C SER A 62 -13.69 -4.77 6.39
N PHE A 63 -14.56 -5.08 5.42
CA PHE A 63 -14.61 -6.42 4.83
C PHE A 63 -13.72 -6.42 3.59
N THR A 64 -12.60 -7.13 3.66
CA THR A 64 -11.66 -7.22 2.56
C THR A 64 -11.77 -8.60 1.91
N VAL A 65 -11.87 -8.62 0.59
CA VAL A 65 -12.13 -9.85 -0.17
C VAL A 65 -11.17 -9.93 -1.34
N TRP A 66 -10.55 -11.10 -1.52
CA TRP A 66 -9.81 -11.40 -2.74
C TRP A 66 -9.82 -12.91 -2.93
N ASP A 67 -9.63 -13.32 -4.18
CA ASP A 67 -9.54 -14.75 -4.50
C ASP A 67 -8.16 -15.28 -4.16
N VAL A 68 -8.11 -16.54 -3.76
CA VAL A 68 -6.85 -17.23 -3.52
C VAL A 68 -6.76 -18.44 -4.45
N GLY A 69 -5.55 -18.89 -4.69
CA GLY A 69 -5.35 -20.02 -5.56
C GLY A 69 -4.10 -20.05 -6.41
N GLY A 70 -3.16 -20.92 -6.03
CA GLY A 70 -1.91 -21.05 -6.74
C GLY A 70 -0.73 -20.51 -5.96
N PRO A 76 2.78 -11.16 -0.28
CA PRO A 76 3.58 -10.49 0.74
C PRO A 76 3.14 -9.06 0.93
N LEU A 77 2.02 -8.72 0.34
CA LEU A 77 1.46 -7.41 0.50
C LEU A 77 0.22 -7.71 1.34
N TRP A 78 -0.10 -8.98 1.44
CA TRP A 78 -1.21 -9.45 2.26
C TRP A 78 -0.93 -9.28 3.75
N ARG A 79 0.34 -9.13 4.09
CA ARG A 79 0.72 -8.94 5.48
C ARG A 79 0.09 -7.65 5.97
N TYR A 80 0.05 -6.64 5.11
CA TYR A 80 -0.53 -5.35 5.50
C TYR A 80 -2.01 -5.52 5.87
N TYR A 81 -2.76 -6.29 5.08
CA TYR A 81 -4.15 -6.54 5.41
C TYR A 81 -4.27 -7.39 6.67
N PHE A 82 -3.35 -8.33 6.86
CA PHE A 82 -3.40 -9.18 8.04
C PHE A 82 -3.23 -8.38 9.33
N GLN A 83 -2.66 -7.18 9.26
CA GLN A 83 -2.63 -6.30 10.40
C GLN A 83 -4.04 -5.91 10.81
N ASN A 84 -4.38 -6.16 12.07
CA ASN A 84 -5.70 -5.86 12.62
C ASN A 84 -6.82 -6.61 11.88
N THR A 85 -6.51 -7.80 11.38
CA THR A 85 -7.53 -8.71 10.87
C THR A 85 -7.98 -9.58 12.04
N GLN A 86 -9.17 -9.30 12.56
CA GLN A 86 -9.67 -10.03 13.72
C GLN A 86 -10.52 -11.25 13.33
N GLY A 87 -10.89 -11.37 12.06
CA GLY A 87 -11.67 -12.50 11.62
C GLY A 87 -11.39 -12.93 10.20
N ILE A 88 -11.34 -14.23 9.96
CA ILE A 88 -11.18 -14.80 8.62
C ILE A 88 -12.46 -15.54 8.25
N ILE A 89 -13.05 -15.17 7.13
CA ILE A 89 -14.15 -15.92 6.54
C ILE A 89 -13.62 -16.65 5.32
N PHE A 90 -13.66 -17.98 5.35
CA PHE A 90 -13.24 -18.79 4.22
C PHE A 90 -14.47 -19.38 3.55
N VAL A 91 -14.79 -18.87 2.36
CA VAL A 91 -15.97 -19.31 1.61
C VAL A 91 -15.56 -20.42 0.66
N VAL A 92 -16.40 -21.45 0.57
CA VAL A 92 -16.10 -22.65 -0.21
C VAL A 92 -17.30 -23.00 -1.07
N ASP A 93 -17.03 -23.40 -2.31
CA ASP A 93 -18.07 -23.96 -3.17
C ASP A 93 -18.22 -25.44 -2.82
N SER A 94 -19.26 -25.76 -2.04
CA SER A 94 -19.48 -27.14 -1.61
C SER A 94 -19.86 -28.06 -2.76
N ASN A 95 -20.15 -27.52 -3.94
CA ASN A 95 -20.41 -28.31 -5.13
C ASN A 95 -19.18 -28.50 -6.00
N ASP A 96 -18.05 -27.89 -5.63
CA ASP A 96 -16.82 -27.93 -6.42
C ASP A 96 -15.90 -28.98 -5.82
N ARG A 97 -16.23 -30.25 -6.10
CA ARG A 97 -15.42 -31.35 -5.58
C ARG A 97 -14.05 -31.42 -6.24
N ASP A 98 -13.91 -30.88 -7.46
CA ASP A 98 -12.62 -30.94 -8.15
C ASP A 98 -11.56 -30.10 -7.45
N ARG A 99 -11.96 -29.01 -6.79
CA ARG A 99 -11.01 -28.06 -6.22
C ARG A 99 -11.12 -27.96 -4.70
N ILE A 100 -11.80 -28.89 -4.04
CA ILE A 100 -11.90 -28.84 -2.59
C ILE A 100 -10.54 -29.06 -1.94
N ASN A 101 -9.68 -29.88 -2.56
CA ASN A 101 -8.33 -30.06 -2.05
C ASN A 101 -7.54 -28.76 -2.16
N GLU A 102 -7.69 -28.05 -3.28
CA GLU A 102 -7.04 -26.75 -3.43
C GLU A 102 -7.54 -25.75 -2.41
N ALA A 103 -8.82 -25.83 -2.04
CA ALA A 103 -9.34 -24.93 -1.02
C ALA A 103 -8.71 -25.19 0.34
N ARG A 104 -8.57 -26.46 0.72
CA ARG A 104 -7.96 -26.78 2.01
C ARG A 104 -6.53 -26.27 2.07
N GLU A 105 -5.77 -26.43 0.99
CA GLU A 105 -4.39 -25.99 0.98
C GLU A 105 -4.27 -24.47 1.07
N GLU A 106 -5.24 -23.73 0.54
CA GLU A 106 -5.21 -22.28 0.65
C GLU A 106 -5.59 -21.82 2.06
N LEU A 107 -6.55 -22.51 2.70
CA LEU A 107 -6.84 -22.21 4.09
C LEU A 107 -5.67 -22.55 4.99
N GLN A 108 -5.04 -23.71 4.75
CA GLN A 108 -3.86 -24.09 5.52
C GLN A 108 -2.72 -23.09 5.34
N SER A 109 -2.62 -22.47 4.16
CA SER A 109 -1.62 -21.44 3.94
C SER A 109 -1.84 -20.25 4.87
N MET A 110 -3.04 -19.69 4.85
CA MET A 110 -3.32 -18.51 5.65
C MET A 110 -3.43 -18.84 7.13
N LEU A 111 -3.85 -20.06 7.47
CA LEU A 111 -3.86 -20.46 8.86
C LEU A 111 -2.45 -20.46 9.45
N ASN A 112 -1.45 -20.75 8.63
CA ASN A 112 -0.05 -20.70 9.05
C ASN A 112 0.58 -19.36 8.69
N GLU A 113 -0.12 -18.28 9.00
CA GLU A 113 0.41 -16.92 8.87
C GLU A 113 0.42 -16.29 10.26
N ASP A 114 1.61 -15.99 10.77
CA ASP A 114 1.75 -15.56 12.16
C ASP A 114 0.99 -14.26 12.43
N GLU A 115 0.81 -13.43 11.42
CA GLU A 115 0.11 -12.17 11.64
C GLU A 115 -1.40 -12.40 11.67
N LEU A 116 -1.80 -13.65 11.47
CA LEU A 116 -3.22 -13.99 11.37
C LEU A 116 -3.68 -15.01 12.40
N LYS A 117 -2.79 -15.50 13.27
CA LYS A 117 -3.18 -16.52 14.23
C LYS A 117 -4.16 -16.00 15.27
N ASP A 118 -4.21 -14.68 15.49
CA ASP A 118 -5.15 -14.12 16.44
C ASP A 118 -6.58 -14.04 15.90
N ALA A 119 -6.75 -14.15 14.59
CA ALA A 119 -8.06 -13.99 13.99
C ALA A 119 -8.90 -15.24 14.14
N VAL A 120 -10.18 -15.07 14.43
CA VAL A 120 -11.12 -16.19 14.48
C VAL A 120 -11.52 -16.56 13.06
N LEU A 121 -11.79 -17.85 12.85
CA LEU A 121 -12.05 -18.39 11.52
C LEU A 121 -13.51 -18.80 11.39
N LEU A 122 -14.15 -18.36 10.31
CA LEU A 122 -15.49 -18.78 9.95
C LEU A 122 -15.45 -19.39 8.56
N VAL A 123 -15.80 -20.67 8.45
CA VAL A 123 -15.83 -21.37 7.18
C VAL A 123 -17.28 -21.46 6.71
N LEU A 124 -17.52 -21.11 5.45
CA LEU A 124 -18.86 -21.09 4.88
C LEU A 124 -18.95 -22.21 3.84
N ALA A 125 -19.72 -23.25 4.18
CA ALA A 125 -20.05 -24.32 3.23
C ALA A 125 -21.16 -23.80 2.32
N ASN A 126 -20.76 -22.99 1.34
CA ASN A 126 -21.69 -22.28 0.50
C ASN A 126 -22.26 -23.18 -0.58
N LYS A 127 -23.32 -22.69 -1.24
CA LYS A 127 -23.97 -23.36 -2.37
C LYS A 127 -24.60 -24.69 -1.96
N GLN A 128 -25.20 -24.72 -0.76
CA GLN A 128 -25.95 -25.89 -0.33
C GLN A 128 -27.23 -26.10 -1.12
N ASP A 129 -27.60 -25.13 -1.95
CA ASP A 129 -28.82 -25.27 -2.76
C ASP A 129 -28.63 -26.28 -3.88
N LEU A 130 -27.41 -26.50 -4.32
CA LEU A 130 -27.17 -27.40 -5.45
C LEU A 130 -27.32 -28.85 -5.01
N PRO A 131 -27.84 -29.73 -5.89
CA PRO A 131 -28.24 -31.06 -5.43
C PRO A 131 -27.10 -31.96 -4.99
N ASN A 132 -25.96 -31.92 -5.69
CA ASN A 132 -24.80 -32.77 -5.38
C ASN A 132 -23.73 -32.02 -4.60
N ALA A 133 -24.10 -31.00 -3.83
CA ALA A 133 -23.16 -30.29 -3.00
C ALA A 133 -22.85 -31.09 -1.73
N MET A 134 -21.60 -31.02 -1.29
CA MET A 134 -21.21 -31.65 -0.03
C MET A 134 -21.79 -30.86 1.14
N ASN A 135 -22.30 -31.58 2.14
CA ASN A 135 -22.92 -30.93 3.28
C ASN A 135 -21.85 -30.28 4.17
N ALA A 136 -22.30 -29.69 5.27
CA ALA A 136 -21.39 -28.92 6.12
C ALA A 136 -20.37 -29.80 6.82
N ALA A 137 -20.73 -31.04 7.15
CA ALA A 137 -19.83 -31.92 7.87
C ALA A 137 -18.85 -32.65 6.95
N GLU A 138 -19.21 -32.86 5.68
CA GLU A 138 -18.25 -33.41 4.74
C GLU A 138 -17.18 -32.39 4.38
N ILE A 139 -17.58 -31.12 4.27
CA ILE A 139 -16.60 -30.05 4.09
C ILE A 139 -15.75 -29.89 5.34
N THR A 140 -16.34 -30.09 6.51
CA THR A 140 -15.59 -30.03 7.76
C THR A 140 -14.37 -30.95 7.73
N GLU A 141 -14.61 -32.19 7.29
CA GLU A 141 -13.58 -33.21 7.10
C GLU A 141 -12.61 -32.95 5.92
N LYS A 142 -13.15 -32.54 4.78
CA LYS A 142 -12.35 -32.23 3.60
C LYS A 142 -11.38 -31.10 3.88
N MET A 143 -11.81 -30.07 4.61
CA MET A 143 -10.94 -28.95 4.96
C MET A 143 -10.01 -29.26 6.12
N GLY A 144 -10.18 -30.39 6.80
CA GLY A 144 -9.35 -30.71 7.94
C GLY A 144 -9.51 -29.76 9.11
N LEU A 145 -10.74 -29.27 9.33
CA LEU A 145 -10.95 -28.22 10.32
C LEU A 145 -10.74 -28.72 11.74
N HIS A 146 -10.97 -30.00 12.00
CA HIS A 146 -10.94 -30.51 13.36
C HIS A 146 -9.53 -30.65 13.92
N SER A 147 -8.49 -30.37 13.14
CA SER A 147 -7.12 -30.33 13.65
C SER A 147 -6.69 -28.94 14.05
N ILE A 148 -7.54 -27.93 13.85
CA ILE A 148 -7.24 -26.57 14.26
C ILE A 148 -7.18 -26.48 15.78
N ARG A 149 -6.18 -25.80 16.30
CA ARG A 149 -6.04 -25.61 17.70
C ARG A 149 -5.56 -24.22 18.06
N ASN A 150 -5.88 -23.80 19.26
CA ASN A 150 -5.56 -22.44 19.74
C ASN A 150 -6.16 -21.38 18.83
N ARG A 151 -7.38 -21.65 18.35
CA ARG A 151 -8.10 -20.77 17.45
C ARG A 151 -9.55 -21.25 17.34
N PRO A 152 -10.51 -20.44 17.75
CA PRO A 152 -11.92 -20.83 17.58
C PRO A 152 -12.32 -20.79 16.11
N TRP A 153 -13.01 -21.84 15.68
CA TRP A 153 -13.49 -21.93 14.32
C TRP A 153 -14.94 -22.40 14.32
N PHE A 154 -15.61 -22.18 13.20
CA PHE A 154 -17.03 -22.51 13.07
C PHE A 154 -17.35 -22.66 11.60
N ILE A 155 -18.06 -23.73 11.26
CA ILE A 155 -18.53 -23.95 9.90
C ILE A 155 -20.04 -23.75 9.87
N GLN A 156 -20.52 -23.11 8.80
CA GLN A 156 -21.92 -22.79 8.66
C GLN A 156 -22.36 -23.10 7.24
N ALA A 157 -23.45 -23.87 7.12
CA ALA A 157 -24.04 -24.16 5.82
C ALA A 157 -24.79 -22.93 5.33
N THR A 158 -24.36 -22.39 4.19
CA THR A 158 -24.92 -21.16 3.65
C THR A 158 -25.32 -21.36 2.20
N CYS A 159 -26.23 -20.51 1.74
CA CYS A 159 -26.50 -20.31 0.32
C CYS A 159 -26.52 -18.82 0.07
N ALA A 160 -25.48 -18.32 -0.61
CA ALA A 160 -25.28 -16.88 -0.73
C ALA A 160 -26.35 -16.23 -1.58
N THR A 161 -26.73 -16.86 -2.69
CA THR A 161 -27.74 -16.31 -3.58
C THR A 161 -29.11 -16.16 -2.91
N THR A 162 -29.29 -16.75 -1.75
CA THR A 162 -30.54 -16.67 -0.99
C THR A 162 -30.38 -15.93 0.33
N GLY A 163 -29.22 -16.04 0.98
CA GLY A 163 -29.02 -15.49 2.30
C GLY A 163 -29.15 -16.49 3.42
N ASP A 164 -29.51 -17.73 3.11
CA ASP A 164 -29.67 -18.76 4.13
C ASP A 164 -28.36 -19.02 4.85
N GLY A 165 -28.38 -18.91 6.17
CA GLY A 165 -27.22 -19.18 6.99
C GLY A 165 -26.20 -18.07 7.07
N LEU A 166 -26.30 -17.04 6.22
CA LEU A 166 -25.33 -15.94 6.26
C LEU A 166 -25.33 -15.23 7.61
N TYR A 167 -26.50 -15.04 8.21
CA TYR A 167 -26.52 -14.32 9.47
C TYR A 167 -25.96 -15.18 10.60
N GLU A 168 -26.56 -16.36 10.83
CA GLU A 168 -26.13 -17.19 11.95
C GLU A 168 -24.64 -17.47 11.90
N GLY A 169 -24.07 -17.57 10.71
CA GLY A 169 -22.63 -17.68 10.60
C GLY A 169 -21.92 -16.43 11.10
N LEU A 170 -22.35 -15.26 10.62
CA LEU A 170 -21.71 -14.01 11.02
C LEU A 170 -22.10 -13.61 12.44
N GLU A 171 -23.24 -14.08 12.94
CA GLU A 171 -23.55 -13.90 14.35
C GLU A 171 -22.49 -14.55 15.23
N TRP A 172 -22.06 -15.75 14.88
CA TRP A 172 -20.97 -16.40 15.61
C TRP A 172 -19.69 -15.57 15.50
N LEU A 173 -19.40 -15.03 14.32
CA LEU A 173 -18.19 -14.25 14.12
C LEU A 173 -18.19 -13.00 14.99
N SER A 174 -19.28 -12.22 14.95
CA SER A 174 -19.33 -10.98 15.70
C SER A 174 -19.27 -11.24 17.20
N ASN A 175 -19.94 -12.29 17.67
CA ASN A 175 -19.86 -12.65 19.07
C ASN A 175 -18.54 -13.31 19.44
N GLN A 176 -17.76 -13.75 18.45
CA GLN A 176 -16.46 -14.37 18.72
C GLN A 176 -15.35 -13.33 18.84
N VAL A 177 -15.37 -12.31 17.98
CA VAL A 177 -14.35 -11.27 18.07
C VAL A 177 -14.50 -10.46 19.35
N GLY A 178 -15.74 -10.21 19.77
CA GLY A 178 -15.98 -9.42 20.96
C GLY A 178 -16.28 -10.24 22.20
N LYS A 179 -15.35 -11.11 22.57
CA LYS A 179 -15.51 -11.93 23.77
C LYS A 179 -14.93 -11.21 24.99
N LEU B 8 31.28 20.05 -8.37
CA LEU B 8 30.34 20.14 -7.26
C LEU B 8 28.89 19.98 -7.73
N PHE B 9 28.06 19.42 -6.85
CA PHE B 9 26.68 19.09 -7.15
C PHE B 9 25.75 20.30 -7.12
N ALA B 10 26.19 21.41 -6.53
CA ALA B 10 25.39 22.63 -6.58
C ALA B 10 25.47 23.28 -7.96
N SER B 11 26.64 23.23 -8.59
CA SER B 11 26.78 23.79 -9.94
C SER B 11 26.10 22.93 -10.99
N LEU B 12 25.93 21.64 -10.71
CA LEU B 12 25.29 20.73 -11.66
C LEU B 12 23.86 21.16 -11.95
N LEU B 13 23.11 21.50 -10.89
CA LEU B 13 21.73 21.93 -11.04
C LEU B 13 21.71 23.42 -11.37
N GLY B 14 22.06 23.71 -12.62
CA GLY B 14 22.24 25.10 -13.05
C GLY B 14 21.02 25.96 -12.84
N GLU B 17 14.30 22.80 -10.91
CA GLU B 17 13.10 21.98 -10.89
C GLU B 17 12.54 22.10 -9.47
N MET B 18 11.31 22.57 -9.36
CA MET B 18 10.76 22.98 -8.05
C MET B 18 10.80 21.89 -7.01
N ARG B 19 10.52 20.67 -7.42
CA ARG B 19 10.58 19.56 -6.48
C ARG B 19 11.12 18.31 -7.16
N ILE B 20 12.08 17.67 -6.49
CA ILE B 20 12.60 16.37 -6.89
C ILE B 20 12.22 15.38 -5.79
N LEU B 21 11.26 14.52 -6.09
CA LEU B 21 10.79 13.54 -5.14
C LEU B 21 11.65 12.28 -5.21
N MET B 22 12.34 11.98 -4.12
CA MET B 22 13.17 10.78 -4.00
C MET B 22 12.48 9.83 -3.04
N VAL B 23 12.07 8.66 -3.53
CA VAL B 23 11.32 7.69 -2.75
C VAL B 23 11.92 6.31 -2.93
N GLY B 24 11.39 5.37 -2.17
CA GLY B 24 11.88 4.01 -2.17
C GLY B 24 11.63 3.36 -0.82
N LEU B 25 11.88 2.06 -0.75
CA LEU B 25 11.72 1.34 0.49
C LEU B 25 12.69 1.88 1.54
N ASP B 26 12.38 1.61 2.80
CA ASP B 26 13.27 2.00 3.88
C ASP B 26 14.59 1.23 3.77
N ALA B 27 15.65 1.83 4.32
CA ALA B 27 17.01 1.30 4.27
C ALA B 27 17.53 1.17 2.83
N ALA B 28 16.95 1.91 1.89
CA ALA B 28 17.47 1.90 0.52
C ALA B 28 18.71 2.75 0.38
N GLY B 29 18.80 3.84 1.14
CA GLY B 29 19.95 4.72 1.09
C GLY B 29 19.59 6.16 0.78
N LYS B 30 18.29 6.47 0.86
CA LYS B 30 17.81 7.79 0.46
C LYS B 30 18.34 8.88 1.39
N THR B 31 18.36 8.62 2.69
CA THR B 31 18.91 9.60 3.63
C THR B 31 20.39 9.81 3.38
N THR B 32 21.13 8.73 3.11
CA THR B 32 22.56 8.83 2.81
C THR B 32 22.80 9.65 1.53
N ILE B 33 22.02 9.40 0.49
CA ILE B 33 22.13 10.18 -0.74
C ILE B 33 21.87 11.65 -0.45
N LEU B 34 20.80 11.93 0.30
CA LEU B 34 20.48 13.31 0.69
C LEU B 34 21.66 13.97 1.37
N TYR B 35 22.31 13.27 2.30
CA TYR B 35 23.45 13.83 2.99
C TYR B 35 24.64 14.02 2.05
N LYS B 36 24.78 13.15 1.05
CA LYS B 36 25.91 13.23 0.14
C LYS B 36 25.80 14.39 -0.84
N LEU B 37 24.59 14.93 -1.04
CA LEU B 37 24.44 16.04 -1.98
C LEU B 37 25.11 17.30 -1.47
N LYS B 38 25.27 17.44 -0.16
CA LYS B 38 25.87 18.62 0.46
C LYS B 38 25.20 19.90 -0.04
N LEU B 39 23.87 19.88 -0.10
CA LEU B 39 23.08 21.00 -0.59
C LEU B 39 22.33 21.71 0.53
N GLY B 40 22.58 21.36 1.79
CA GLY B 40 21.88 21.96 2.90
C GLY B 40 21.48 20.94 3.95
N GLU B 41 20.87 21.41 5.04
CA GLU B 41 20.51 20.54 6.14
C GLU B 41 19.35 19.63 5.78
N ILE B 42 19.40 18.40 6.28
CA ILE B 42 18.27 17.47 6.14
C ILE B 42 17.28 17.77 7.25
N VAL B 43 16.16 18.38 6.90
CA VAL B 43 15.13 18.78 7.85
C VAL B 43 13.97 17.79 7.76
N THR B 44 13.68 17.10 8.86
CA THR B 44 12.63 16.10 8.91
C THR B 44 11.39 16.67 9.58
N THR B 45 10.24 16.53 8.92
CA THR B 45 8.96 16.99 9.44
C THR B 45 7.97 15.83 9.48
N ILE B 46 6.97 15.98 10.34
CA ILE B 46 5.87 15.03 10.43
C ILE B 46 4.59 15.77 10.07
N PRO B 47 4.25 15.86 8.78
CA PRO B 47 3.01 16.61 8.41
C PRO B 47 1.76 16.02 9.04
N THR B 48 1.58 14.70 8.93
CA THR B 48 0.54 13.99 9.63
C THR B 48 1.15 12.78 10.32
N ILE B 49 0.37 12.16 11.20
CA ILE B 49 0.87 11.07 12.03
C ILE B 49 1.36 9.92 11.16
N GLY B 50 2.53 9.39 11.49
CA GLY B 50 3.10 8.26 10.78
C GLY B 50 3.69 8.57 9.43
N PHE B 51 3.84 9.85 9.06
CA PHE B 51 4.35 10.25 7.76
C PHE B 51 5.59 11.10 7.97
N ASN B 52 6.76 10.51 7.81
CA ASN B 52 8.04 11.19 8.00
C ASN B 52 8.59 11.67 6.66
N VAL B 53 8.96 12.94 6.59
CA VAL B 53 9.43 13.57 5.36
C VAL B 53 10.77 14.25 5.63
N GLU B 54 11.78 13.90 4.84
CA GLU B 54 13.09 14.56 4.89
C GLU B 54 13.23 15.49 3.69
N THR B 55 13.65 16.73 3.95
CA THR B 55 13.68 17.77 2.93
C THR B 55 15.03 18.47 2.92
N VAL B 56 15.45 18.89 1.73
CA VAL B 56 16.66 19.70 1.53
C VAL B 56 16.33 20.75 0.48
N GLU B 57 16.23 22.02 0.90
CA GLU B 57 15.90 23.11 -0.01
C GLU B 57 17.19 23.88 -0.31
N TYR B 58 17.75 23.65 -1.49
CA TYR B 58 18.90 24.41 -1.98
C TYR B 58 18.39 25.44 -2.95
N LYS B 59 18.39 26.70 -2.51
CA LYS B 59 17.90 27.83 -3.29
C LYS B 59 16.41 27.63 -3.61
N ASN B 60 16.18 27.14 -4.82
CA ASN B 60 14.86 26.83 -5.38
C ASN B 60 14.43 25.36 -5.53
N ILE B 61 15.38 24.47 -5.47
CA ILE B 61 15.14 23.04 -5.63
C ILE B 61 14.78 22.45 -4.29
N SER B 62 13.74 21.61 -4.28
CA SER B 62 13.25 20.98 -3.05
C SER B 62 13.34 19.47 -3.22
N PHE B 63 14.26 18.86 -2.49
CA PHE B 63 14.39 17.41 -2.46
C PHE B 63 13.51 16.87 -1.34
N THR B 64 12.42 16.19 -1.71
CA THR B 64 11.50 15.62 -0.75
C THR B 64 11.65 14.11 -0.72
N VAL B 65 11.80 13.55 0.49
CA VAL B 65 12.11 12.14 0.67
C VAL B 65 11.14 11.54 1.70
N TRP B 66 10.58 10.38 1.35
CA TRP B 66 9.86 9.56 2.33
C TRP B 66 9.95 8.10 1.89
N ASP B 67 9.81 7.21 2.86
CA ASP B 67 9.79 5.78 2.57
C ASP B 67 8.43 5.38 2.02
N VAL B 68 8.41 4.32 1.22
CA VAL B 68 7.18 3.76 0.68
C VAL B 68 7.15 2.26 0.98
N GLY B 69 5.95 1.71 1.02
CA GLY B 69 5.76 0.31 1.30
C GLY B 69 4.52 0.02 2.12
N GLY B 70 3.48 -0.49 1.47
CA GLY B 70 2.24 -0.80 2.16
C GLY B 70 1.01 -0.27 1.44
N PRO B 76 -3.04 10.40 0.10
CA PRO B 76 -3.89 11.52 -0.27
C PRO B 76 -3.17 12.86 -0.14
N LEU B 77 -2.25 12.94 0.83
CA LEU B 77 -1.50 14.17 1.05
C LEU B 77 -0.31 14.26 0.11
N TRP B 78 0.00 13.16 -0.56
CA TRP B 78 1.11 13.12 -1.50
C TRP B 78 0.79 13.85 -2.80
N ARG B 79 -0.50 14.06 -3.06
CA ARG B 79 -0.91 14.77 -4.26
C ARG B 79 -0.33 16.18 -4.23
N TYR B 80 -0.33 16.80 -3.05
CA TYR B 80 0.20 18.14 -2.90
C TYR B 80 1.70 18.18 -3.22
N TYR B 81 2.44 17.17 -2.78
CA TYR B 81 3.85 17.08 -3.14
C TYR B 81 4.04 16.83 -4.64
N PHE B 82 3.13 16.07 -5.25
CA PHE B 82 3.26 15.72 -6.65
C PHE B 82 3.02 16.92 -7.57
N GLN B 83 2.47 17.97 -6.98
CA GLN B 83 2.22 19.21 -7.66
C GLN B 83 3.60 19.81 -7.66
N ASN B 84 4.07 20.08 -8.86
CA ASN B 84 5.36 20.61 -9.13
C ASN B 84 6.51 19.66 -8.87
N THR B 85 6.25 18.36 -8.72
CA THR B 85 7.35 17.41 -8.71
C THR B 85 7.74 17.18 -10.16
N GLN B 86 8.91 17.68 -10.55
CA GLN B 86 9.35 17.52 -11.92
C GLN B 86 10.33 16.36 -12.10
N GLY B 87 10.77 15.73 -11.01
CA GLY B 87 11.63 14.58 -11.10
C GLY B 87 11.39 13.56 -10.01
N ILE B 88 11.36 12.27 -10.37
CA ILE B 88 11.24 11.19 -9.40
C ILE B 88 12.56 10.44 -9.37
N ILE B 89 13.16 10.34 -8.18
CA ILE B 89 14.30 9.47 -7.94
C ILE B 89 13.80 8.28 -7.13
N PHE B 90 13.94 7.08 -7.68
CA PHE B 90 13.55 5.86 -6.99
C PHE B 90 14.82 5.10 -6.62
N VAL B 91 15.15 5.11 -5.33
CA VAL B 91 16.34 4.43 -4.81
C VAL B 91 15.96 3.01 -4.43
N VAL B 92 16.85 2.07 -4.75
CA VAL B 92 16.60 0.65 -4.55
C VAL B 92 17.83 0.01 -3.92
N ASP B 93 17.60 -0.86 -2.94
CA ASP B 93 18.66 -1.70 -2.38
C ASP B 93 18.89 -2.86 -3.33
N SER B 94 19.95 -2.77 -4.13
CA SER B 94 20.25 -3.84 -5.09
C SER B 94 20.61 -5.16 -4.41
N ASN B 95 20.86 -5.14 -3.10
CA ASN B 95 21.16 -6.35 -2.34
C ASN B 95 19.93 -6.93 -1.65
N ASP B 96 18.80 -6.22 -1.69
CA ASP B 96 17.58 -6.66 -1.02
C ASP B 96 16.72 -7.42 -2.01
N ARG B 97 17.11 -8.66 -2.27
CA ARG B 97 16.35 -9.49 -3.20
C ARG B 97 14.98 -9.87 -2.65
N ASP B 98 14.84 -9.90 -1.32
CA ASP B 98 13.56 -10.30 -0.73
C ASP B 98 12.45 -9.31 -1.04
N ARG B 99 12.79 -8.03 -1.18
CA ARG B 99 11.78 -6.98 -1.33
C ARG B 99 11.88 -6.25 -2.66
N ILE B 100 12.60 -6.81 -3.64
CA ILE B 100 12.70 -6.16 -4.94
C ILE B 100 11.34 -6.13 -5.63
N ASN B 101 10.54 -7.19 -5.46
CA ASN B 101 9.19 -7.18 -6.02
C ASN B 101 8.34 -6.08 -5.39
N GLU B 102 8.47 -5.89 -4.08
CA GLU B 102 7.76 -4.81 -3.41
C GLU B 102 8.21 -3.45 -3.91
N ALA B 103 9.49 -3.31 -4.26
CA ALA B 103 9.97 -2.05 -4.79
C ALA B 103 9.33 -1.74 -6.15
N ARG B 104 9.22 -2.75 -7.02
CA ARG B 104 8.63 -2.52 -8.33
C ARG B 104 7.18 -2.07 -8.20
N GLU B 105 6.42 -2.71 -7.31
CA GLU B 105 5.01 -2.37 -7.16
C GLU B 105 4.82 -0.96 -6.63
N GLU B 106 5.76 -0.47 -5.81
CA GLU B 106 5.66 0.91 -5.32
C GLU B 106 6.00 1.90 -6.43
N LEU B 107 7.02 1.59 -7.24
CA LEU B 107 7.30 2.43 -8.40
C LEU B 107 6.13 2.42 -9.36
N GLN B 108 5.55 1.25 -9.63
CA GLN B 108 4.38 1.17 -10.50
C GLN B 108 3.21 1.97 -9.94
N SER B 109 3.06 2.02 -8.62
CA SER B 109 2.00 2.81 -8.01
C SER B 109 2.17 4.29 -8.32
N MET B 110 3.37 4.83 -8.07
CA MET B 110 3.59 6.25 -8.32
C MET B 110 3.71 6.57 -9.81
N LEU B 111 4.13 5.59 -10.61
CA LEU B 111 4.14 5.80 -12.05
C LEU B 111 2.73 5.95 -12.60
N ASN B 112 1.74 5.32 -11.95
CA ASN B 112 0.33 5.45 -12.34
C ASN B 112 -0.36 6.56 -11.58
N GLU B 113 0.34 7.67 -11.32
CA GLU B 113 -0.23 8.83 -10.64
C GLU B 113 -0.28 9.97 -11.64
N ASP B 114 -1.50 10.39 -12.02
CA ASP B 114 -1.67 11.37 -13.08
C ASP B 114 -0.98 12.68 -12.76
N GLU B 115 -0.95 13.08 -11.50
CA GLU B 115 -0.26 14.30 -11.10
C GLU B 115 1.25 14.13 -11.07
N LEU B 116 1.77 13.05 -11.63
CA LEU B 116 3.21 12.78 -11.64
C LEU B 116 3.73 12.29 -12.98
N LYS B 117 2.87 12.13 -13.99
CA LYS B 117 3.34 11.57 -15.27
C LYS B 117 4.26 12.54 -16.01
N ASP B 118 4.24 13.83 -15.66
CA ASP B 118 5.14 14.77 -16.31
C ASP B 118 6.54 14.75 -15.74
N ALA B 119 6.76 14.03 -14.63
CA ALA B 119 8.07 14.02 -13.99
C ALA B 119 8.98 12.97 -14.61
N VAL B 120 10.24 13.34 -14.81
CA VAL B 120 11.24 12.39 -15.30
C VAL B 120 11.63 11.46 -14.16
N LEU B 121 11.99 10.23 -14.50
CA LEU B 121 12.27 9.19 -13.51
C LEU B 121 13.74 8.82 -13.54
N LEU B 122 14.36 8.81 -12.36
CA LEU B 122 15.74 8.36 -12.19
C LEU B 122 15.74 7.22 -11.18
N VAL B 123 16.12 6.02 -11.64
CA VAL B 123 16.20 4.84 -10.78
C VAL B 123 17.66 4.64 -10.37
N LEU B 124 17.90 4.46 -9.08
CA LEU B 124 19.23 4.28 -8.54
C LEU B 124 19.38 2.84 -8.05
N ALA B 125 20.16 2.05 -8.78
CA ALA B 125 20.55 0.71 -8.33
C ALA B 125 21.68 0.87 -7.30
N ASN B 126 21.27 1.23 -6.09
CA ASN B 126 22.20 1.55 -5.02
C ASN B 126 22.78 0.27 -4.40
N LYS B 127 23.75 0.48 -3.51
CA LYS B 127 24.41 -0.60 -2.76
C LYS B 127 25.13 -1.57 -3.68
N GLN B 128 25.71 -1.04 -4.77
CA GLN B 128 26.50 -1.89 -5.67
C GLN B 128 27.80 -2.37 -5.05
N ASP B 129 28.17 -1.85 -3.88
CA ASP B 129 29.40 -2.28 -3.23
C ASP B 129 29.28 -3.68 -2.63
N LEU B 130 28.07 -4.09 -2.26
CA LEU B 130 27.90 -5.38 -1.60
C LEU B 130 28.12 -6.52 -2.60
N PRO B 131 28.71 -7.63 -2.17
CA PRO B 131 29.16 -8.65 -3.13
C PRO B 131 28.04 -9.34 -3.88
N ASN B 132 26.89 -9.57 -3.24
CA ASN B 132 25.79 -10.29 -3.89
C ASN B 132 24.67 -9.36 -4.34
N ALA B 133 24.98 -8.07 -4.56
CA ALA B 133 24.00 -7.13 -5.05
C ALA B 133 23.74 -7.34 -6.54
N MET B 134 22.50 -7.11 -6.95
CA MET B 134 22.14 -7.20 -8.36
C MET B 134 22.64 -5.97 -9.11
N ASN B 135 23.15 -6.18 -10.32
CA ASN B 135 23.69 -5.08 -11.09
C ASN B 135 22.57 -4.22 -11.67
N ALA B 136 22.95 -3.14 -12.36
CA ALA B 136 21.96 -2.21 -12.89
C ALA B 136 21.09 -2.86 -13.96
N ALA B 137 21.60 -3.89 -14.65
CA ALA B 137 20.82 -4.54 -15.68
C ALA B 137 19.76 -5.46 -15.09
N GLU B 138 20.09 -6.15 -13.99
CA GLU B 138 19.10 -7.03 -13.35
C GLU B 138 18.00 -6.22 -12.68
N ILE B 139 18.35 -5.10 -12.06
CA ILE B 139 17.34 -4.23 -11.48
C ILE B 139 16.44 -3.65 -12.57
N THR B 140 17.03 -3.28 -13.71
CA THR B 140 16.27 -2.77 -14.84
C THR B 140 15.10 -3.69 -15.19
N GLU B 141 15.34 -5.00 -15.17
CA GLU B 141 14.32 -5.96 -15.52
C GLU B 141 13.44 -6.35 -14.33
N LYS B 142 14.01 -6.40 -13.12
CA LYS B 142 13.18 -6.65 -11.95
C LYS B 142 12.17 -5.53 -11.74
N MET B 143 12.56 -4.29 -12.04
CA MET B 143 11.65 -3.17 -11.91
C MET B 143 10.74 -3.00 -13.12
N GLY B 144 10.95 -3.77 -14.19
CA GLY B 144 10.13 -3.64 -15.39
C GLY B 144 10.26 -2.29 -16.07
N LEU B 145 11.45 -1.68 -16.02
CA LEU B 145 11.62 -0.31 -16.50
C LEU B 145 11.42 -0.21 -18.02
N HIS B 146 11.75 -1.25 -18.77
CA HIS B 146 11.68 -1.17 -20.23
C HIS B 146 10.26 -1.17 -20.77
N SER B 147 9.24 -1.21 -19.92
CA SER B 147 7.86 -1.06 -20.36
C SER B 147 7.35 0.37 -20.21
N ILE B 148 8.17 1.27 -19.67
CA ILE B 148 7.77 2.65 -19.47
C ILE B 148 7.69 3.37 -20.81
N ARG B 149 6.60 4.12 -21.02
CA ARG B 149 6.36 4.86 -22.25
C ARG B 149 5.92 6.29 -21.93
N ASN B 150 6.24 7.19 -22.87
CA ASN B 150 5.88 8.60 -22.76
C ASN B 150 6.46 9.22 -21.49
N ARG B 151 7.68 8.80 -21.15
CA ARG B 151 8.38 9.25 -19.95
C ARG B 151 9.84 8.85 -20.05
N PRO B 152 10.76 9.80 -20.07
CA PRO B 152 12.20 9.45 -20.08
C PRO B 152 12.62 8.92 -18.71
N TRP B 153 13.32 7.80 -18.72
CA TRP B 153 13.84 7.19 -17.51
C TRP B 153 15.31 6.85 -17.69
N PHE B 154 15.97 6.56 -16.58
CA PHE B 154 17.40 6.28 -16.58
C PHE B 154 17.75 5.56 -15.29
N ILE B 155 18.44 4.42 -15.41
CA ILE B 155 18.94 3.70 -14.24
C ILE B 155 20.43 3.96 -14.12
N GLN B 156 20.91 4.10 -12.89
CA GLN B 156 22.30 4.44 -12.60
C GLN B 156 22.77 3.59 -11.44
N ALA B 157 23.81 2.80 -11.66
CA ALA B 157 24.45 2.05 -10.58
C ALA B 157 25.18 3.02 -9.65
N THR B 158 24.81 3.02 -8.38
CA THR B 158 25.36 3.93 -7.39
C THR B 158 25.81 3.19 -6.15
N CYS B 159 26.61 3.88 -5.34
CA CYS B 159 26.90 3.48 -3.97
C CYS B 159 26.84 4.74 -3.12
N ALA B 160 25.76 4.88 -2.34
CA ALA B 160 25.53 6.13 -1.63
C ALA B 160 26.59 6.40 -0.57
N THR B 161 27.01 5.36 0.16
CA THR B 161 28.01 5.53 1.22
C THR B 161 29.35 6.00 0.69
N THR B 162 29.57 5.95 -0.61
CA THR B 162 30.81 6.36 -1.25
C THR B 162 30.64 7.59 -2.15
N GLY B 163 29.47 7.76 -2.77
CA GLY B 163 29.25 8.81 -3.74
C GLY B 163 29.36 8.34 -5.17
N ASP B 164 29.82 7.12 -5.40
CA ASP B 164 29.97 6.60 -6.75
C ASP B 164 28.63 6.59 -7.48
N GLY B 165 28.59 7.24 -8.64
CA GLY B 165 27.41 7.23 -9.48
C GLY B 165 26.34 8.25 -9.13
N LEU B 166 26.38 8.82 -7.92
CA LEU B 166 25.38 9.82 -7.56
C LEU B 166 25.41 10.99 -8.52
N TYR B 167 26.61 11.47 -8.84
CA TYR B 167 26.70 12.64 -9.70
C TYR B 167 26.15 12.34 -11.10
N GLU B 168 26.68 11.31 -11.75
CA GLU B 168 26.30 11.05 -13.14
C GLU B 168 24.80 10.83 -13.26
N GLY B 169 24.19 10.17 -12.28
CA GLY B 169 22.75 10.02 -12.30
C GLY B 169 22.02 11.35 -12.18
N LEU B 170 22.45 12.18 -11.22
CA LEU B 170 21.83 13.48 -11.05
C LEU B 170 22.10 14.40 -12.24
N GLU B 171 23.23 14.20 -12.93
CA GLU B 171 23.50 14.97 -14.14
C GLU B 171 22.45 14.69 -15.21
N TRP B 172 22.10 13.43 -15.40
CA TRP B 172 21.02 13.09 -16.34
C TRP B 172 19.71 13.73 -15.93
N LEU B 173 19.40 13.71 -14.64
CA LEU B 173 18.14 14.29 -14.16
C LEU B 173 18.09 15.79 -14.42
N SER B 174 19.16 16.50 -14.04
CA SER B 174 19.18 17.95 -14.24
C SER B 174 19.17 18.30 -15.72
N ASN B 175 19.85 17.50 -16.55
CA ASN B 175 19.82 17.75 -17.98
C ASN B 175 18.51 17.31 -18.61
N GLN B 176 17.77 16.42 -17.95
CA GLN B 176 16.49 15.98 -18.49
C GLN B 176 15.39 17.00 -18.26
N VAL B 177 15.35 17.62 -17.08
CA VAL B 177 14.28 18.57 -16.82
C VAL B 177 14.51 19.86 -17.58
N GLY B 178 15.77 20.27 -17.73
CA GLY B 178 16.06 21.46 -18.50
C GLY B 178 16.14 21.19 -19.98
N LYS B 179 15.28 20.31 -20.48
CA LYS B 179 15.27 19.93 -21.89
C LYS B 179 14.96 21.13 -22.78
N LEU C 8 -4.04 12.16 -18.00
CA LEU C 8 -4.45 12.30 -19.39
C LEU C 8 -5.86 11.76 -19.60
N PHE C 9 -6.19 10.71 -18.84
CA PHE C 9 -7.50 10.06 -19.00
C PHE C 9 -8.62 10.97 -18.52
N ALA C 10 -8.55 11.42 -17.27
CA ALA C 10 -9.62 12.24 -16.70
C ALA C 10 -9.85 13.52 -17.49
N SER C 11 -8.82 14.02 -18.16
CA SER C 11 -8.97 15.21 -18.99
C SER C 11 -9.91 14.94 -20.17
N LEU C 12 -9.94 13.71 -20.67
CA LEU C 12 -10.62 13.42 -21.93
C LEU C 12 -12.14 13.58 -21.79
N LEU C 13 -12.72 12.96 -20.77
CA LEU C 13 -14.17 12.92 -20.61
C LEU C 13 -14.71 14.06 -19.78
N GLY C 14 -13.95 15.17 -19.66
CA GLY C 14 -14.43 16.30 -18.88
C GLY C 14 -15.68 16.95 -19.44
N ARG C 15 -15.80 16.95 -20.75
CA ARG C 15 -17.01 17.50 -21.38
C ARG C 15 -18.00 16.39 -21.70
N MET C 18 -22.98 10.14 -21.51
CA MET C 18 -23.94 9.67 -20.52
C MET C 18 -23.61 8.25 -20.05
N ARG C 19 -23.90 7.27 -20.89
CA ARG C 19 -23.70 5.87 -20.56
C ARG C 19 -22.70 5.26 -21.54
N ILE C 20 -21.62 4.70 -21.01
CA ILE C 20 -20.61 4.00 -21.79
C ILE C 20 -20.62 2.54 -21.37
N LEU C 21 -20.85 1.64 -22.32
CA LEU C 21 -20.96 0.21 -22.06
C LEU C 21 -19.66 -0.46 -22.48
N MET C 22 -18.94 -1.01 -21.51
CA MET C 22 -17.69 -1.74 -21.78
C MET C 22 -17.93 -3.21 -21.48
N VAL C 23 -18.11 -4.01 -22.53
CA VAL C 23 -18.42 -5.43 -22.40
C VAL C 23 -17.29 -6.24 -23.00
N GLY C 24 -17.34 -7.55 -22.76
CA GLY C 24 -16.32 -8.46 -23.25
C GLY C 24 -16.34 -9.75 -22.45
N LEU C 25 -15.53 -10.70 -22.91
CA LEU C 25 -15.39 -11.96 -22.18
C LEU C 25 -14.70 -11.72 -20.85
N ASP C 26 -14.82 -12.70 -19.96
CA ASP C 26 -14.13 -12.62 -18.68
C ASP C 26 -12.62 -12.65 -18.90
N ALA C 27 -11.89 -12.00 -17.98
CA ALA C 27 -10.44 -11.87 -18.02
C ALA C 27 -9.95 -11.09 -19.25
N ALA C 28 -10.81 -10.26 -19.84
CA ALA C 28 -10.40 -9.45 -20.97
C ALA C 28 -9.65 -8.20 -20.56
N GLY C 29 -9.81 -7.75 -19.32
CA GLY C 29 -9.17 -6.55 -18.83
C GLY C 29 -10.10 -5.39 -18.53
N LYS C 30 -11.41 -5.62 -18.51
CA LYS C 30 -12.35 -4.52 -18.33
C LYS C 30 -12.21 -3.88 -16.96
N THR C 31 -12.11 -4.70 -15.91
CA THR C 31 -11.88 -4.15 -14.57
C THR C 31 -10.57 -3.38 -14.53
N THR C 32 -9.54 -3.87 -15.22
CA THR C 32 -8.26 -3.17 -15.28
C THR C 32 -8.41 -1.82 -15.96
N ILE C 33 -9.20 -1.75 -17.03
CA ILE C 33 -9.39 -0.48 -17.73
C ILE C 33 -10.17 0.49 -16.86
N LEU C 34 -11.24 0.02 -16.21
CA LEU C 34 -12.01 0.86 -15.32
C LEU C 34 -11.11 1.55 -14.29
N TYR C 35 -10.17 0.80 -13.71
CA TYR C 35 -9.26 1.36 -12.74
C TYR C 35 -8.28 2.36 -13.36
N LYS C 36 -7.99 2.23 -14.65
CA LYS C 36 -7.11 3.18 -15.32
C LYS C 36 -7.80 4.50 -15.63
N LEU C 37 -9.12 4.49 -15.82
CA LEU C 37 -9.85 5.73 -16.09
C LEU C 37 -9.66 6.72 -14.97
N LYS C 38 -9.68 6.24 -13.72
CA LYS C 38 -9.50 7.08 -12.53
C LYS C 38 -10.52 8.22 -12.51
N LEU C 39 -11.75 7.91 -12.90
CA LEU C 39 -12.87 8.84 -12.83
C LEU C 39 -13.73 8.62 -11.60
N GLY C 40 -13.42 7.62 -10.80
CA GLY C 40 -14.20 7.34 -9.60
C GLY C 40 -14.04 5.88 -9.20
N GLU C 41 -14.65 5.56 -8.07
CA GLU C 41 -14.58 4.21 -7.53
C GLU C 41 -15.32 3.22 -8.43
N ILE C 42 -14.76 2.02 -8.55
CA ILE C 42 -15.45 0.93 -9.23
C ILE C 42 -16.39 0.28 -8.23
N VAL C 43 -17.69 0.31 -8.52
CA VAL C 43 -18.71 -0.24 -7.65
C VAL C 43 -19.27 -1.49 -8.29
N THR C 44 -19.17 -2.61 -7.58
CA THR C 44 -19.74 -3.87 -8.03
C THR C 44 -21.16 -4.00 -7.48
N THR C 45 -22.09 -4.37 -8.34
CA THR C 45 -23.48 -4.58 -7.94
C THR C 45 -24.01 -5.83 -8.62
N ILE C 46 -24.99 -6.46 -7.97
CA ILE C 46 -25.60 -7.68 -8.51
C ILE C 46 -27.10 -7.42 -8.67
N PRO C 47 -27.54 -6.89 -9.81
CA PRO C 47 -28.98 -6.62 -9.99
C PRO C 47 -29.82 -7.89 -9.90
N THR C 48 -29.41 -8.95 -10.59
CA THR C 48 -30.04 -10.25 -10.51
C THR C 48 -28.95 -11.30 -10.32
N ILE C 49 -29.36 -12.48 -9.86
CA ILE C 49 -28.42 -13.58 -9.69
C ILE C 49 -27.67 -13.82 -10.99
N GLY C 50 -26.37 -14.10 -10.88
CA GLY C 50 -25.55 -14.37 -12.03
C GLY C 50 -25.16 -13.18 -12.87
N PHE C 51 -25.61 -11.98 -12.52
CA PHE C 51 -25.31 -10.77 -13.29
C PHE C 51 -24.49 -9.82 -12.42
N ASN C 52 -23.18 -9.81 -12.64
CA ASN C 52 -22.26 -8.90 -11.96
C ASN C 52 -22.02 -7.67 -12.83
N VAL C 53 -22.15 -6.50 -12.23
CA VAL C 53 -22.01 -5.23 -12.95
C VAL C 53 -21.03 -4.33 -12.19
N GLU C 54 -19.98 -3.90 -12.85
CA GLU C 54 -19.04 -2.93 -12.31
C GLU C 54 -19.33 -1.58 -12.93
N THR C 55 -19.44 -0.54 -12.09
CA THR C 55 -19.86 0.77 -12.54
C THR C 55 -18.93 1.85 -11.98
N VAL C 56 -18.54 2.78 -12.85
CA VAL C 56 -17.77 3.97 -12.47
C VAL C 56 -18.54 5.19 -12.99
N GLU C 57 -19.00 6.02 -12.06
CA GLU C 57 -19.77 7.21 -12.40
C GLU C 57 -18.94 8.46 -12.12
N TYR C 58 -18.82 9.32 -13.12
CA TYR C 58 -18.15 10.62 -12.99
C TYR C 58 -19.13 11.68 -13.45
N LYS C 59 -19.93 12.19 -12.51
CA LYS C 59 -20.93 13.22 -12.80
C LYS C 59 -21.87 12.79 -13.91
N ASN C 60 -21.60 13.25 -15.14
CA ASN C 60 -22.48 12.95 -16.26
C ASN C 60 -22.38 11.49 -16.71
N ILE C 61 -21.19 10.92 -16.68
CA ILE C 61 -20.89 9.69 -17.39
C ILE C 61 -21.07 8.49 -16.48
N SER C 62 -21.49 7.37 -17.08
CA SER C 62 -21.66 6.11 -16.38
C SER C 62 -20.92 5.03 -17.17
N PHE C 63 -19.90 4.43 -16.56
CA PHE C 63 -19.12 3.37 -17.18
C PHE C 63 -19.63 2.03 -16.64
N THR C 64 -20.48 1.37 -17.42
CA THR C 64 -21.08 0.10 -17.02
C THR C 64 -20.28 -1.05 -17.62
N VAL C 65 -19.99 -2.06 -16.80
CA VAL C 65 -19.17 -3.19 -17.21
C VAL C 65 -19.81 -4.48 -16.74
N TRP C 66 -19.96 -5.44 -17.64
CA TRP C 66 -20.33 -6.80 -17.27
C TRP C 66 -19.71 -7.76 -18.27
N ASP C 67 -19.66 -9.04 -17.89
CA ASP C 67 -19.07 -10.07 -18.72
C ASP C 67 -20.11 -10.66 -19.66
N VAL C 68 -19.68 -10.98 -20.87
CA VAL C 68 -20.51 -11.69 -21.84
C VAL C 68 -19.83 -13.02 -22.16
N GLY C 69 -20.56 -13.88 -22.86
CA GLY C 69 -20.05 -15.18 -23.23
C GLY C 69 -20.68 -16.34 -22.48
N ARG C 75 -29.80 -11.49 -21.50
CA ARG C 75 -31.03 -11.21 -20.79
C ARG C 75 -31.70 -9.97 -21.38
N PRO C 76 -33.03 -9.94 -21.38
CA PRO C 76 -33.75 -8.72 -21.80
C PRO C 76 -33.47 -7.53 -20.91
N LEU C 77 -32.69 -7.71 -19.84
CA LEU C 77 -32.41 -6.63 -18.92
C LEU C 77 -31.43 -5.63 -19.47
N TRP C 78 -30.57 -6.08 -20.35
CA TRP C 78 -29.64 -5.21 -21.05
C TRP C 78 -30.36 -4.10 -21.81
N ARG C 79 -31.61 -4.34 -22.21
CA ARG C 79 -32.39 -3.33 -22.92
C ARG C 79 -32.39 -1.99 -22.19
N TYR C 80 -32.51 -2.02 -20.87
CA TYR C 80 -32.69 -0.80 -20.09
C TYR C 80 -31.36 -0.11 -19.76
N TYR C 81 -30.24 -0.80 -19.90
CA TYR C 81 -28.94 -0.14 -19.85
C TYR C 81 -28.62 0.61 -21.14
N PHE C 82 -29.37 0.32 -22.22
CA PHE C 82 -29.01 0.76 -23.56
C PHE C 82 -29.62 2.10 -23.96
N GLN C 83 -30.68 2.54 -23.28
CA GLN C 83 -31.50 3.64 -23.77
C GLN C 83 -30.67 4.85 -24.14
N ASN C 84 -29.73 5.24 -23.29
CA ASN C 84 -28.86 6.37 -23.56
C ASN C 84 -27.38 5.95 -23.57
N THR C 85 -27.12 4.73 -24.06
CA THR C 85 -25.75 4.27 -24.24
C THR C 85 -25.19 4.84 -25.54
N GLN C 86 -24.17 5.68 -25.44
CA GLN C 86 -23.65 6.40 -26.59
C GLN C 86 -22.44 5.74 -27.24
N GLY C 87 -21.69 4.93 -26.49
CA GLY C 87 -20.59 4.20 -27.08
C GLY C 87 -20.36 2.88 -26.36
N ILE C 88 -20.01 1.84 -27.09
CA ILE C 88 -19.71 0.54 -26.51
C ILE C 88 -18.24 0.21 -26.76
N ILE C 89 -17.55 -0.21 -25.72
CA ILE C 89 -16.15 -0.58 -25.77
C ILE C 89 -16.09 -2.09 -25.59
N PHE C 90 -15.75 -2.81 -26.66
CA PHE C 90 -15.65 -4.26 -26.59
C PHE C 90 -14.19 -4.62 -26.33
N VAL C 91 -13.95 -5.21 -25.16
CA VAL C 91 -12.61 -5.62 -24.74
C VAL C 91 -12.44 -7.09 -25.06
N VAL C 92 -11.31 -7.43 -25.68
CA VAL C 92 -11.01 -8.82 -26.02
C VAL C 92 -9.54 -9.09 -25.74
N ASP C 93 -9.26 -10.20 -25.07
CA ASP C 93 -7.89 -10.63 -24.79
C ASP C 93 -7.25 -11.13 -26.08
N SER C 94 -6.30 -10.35 -26.61
CA SER C 94 -5.65 -10.71 -27.87
C SER C 94 -4.84 -12.00 -27.76
N ASN C 95 -4.51 -12.44 -26.54
CA ASN C 95 -3.75 -13.66 -26.35
C ASN C 95 -4.62 -14.90 -26.25
N ASP C 96 -5.92 -14.75 -26.00
CA ASP C 96 -6.83 -15.87 -25.85
C ASP C 96 -7.31 -16.30 -27.23
N ARG C 97 -6.52 -17.17 -27.88
CA ARG C 97 -6.86 -17.63 -29.21
C ARG C 97 -7.97 -18.68 -29.19
N ASP C 98 -8.13 -19.41 -28.08
CA ASP C 98 -9.13 -20.46 -28.03
C ASP C 98 -10.55 -19.89 -27.96
N ARG C 99 -10.71 -18.68 -27.43
CA ARG C 99 -12.02 -18.08 -27.20
C ARG C 99 -12.30 -16.88 -28.08
N ILE C 100 -11.46 -16.62 -29.09
CA ILE C 100 -11.63 -15.41 -29.89
C ILE C 100 -12.91 -15.48 -30.73
N ASN C 101 -13.28 -16.67 -31.20
CA ASN C 101 -14.51 -16.80 -31.97
C ASN C 101 -15.74 -16.54 -31.11
N GLU C 102 -15.71 -17.00 -29.86
CA GLU C 102 -16.79 -16.70 -28.93
C GLU C 102 -16.93 -15.20 -28.70
N ALA C 103 -15.80 -14.48 -28.67
CA ALA C 103 -15.85 -13.03 -28.51
C ALA C 103 -16.47 -12.37 -29.73
N ARG C 104 -16.24 -12.95 -30.90
CA ARG C 104 -16.83 -12.46 -32.15
C ARG C 104 -18.35 -12.61 -32.12
N GLU C 105 -18.83 -13.75 -31.61
CA GLU C 105 -20.25 -14.02 -31.50
C GLU C 105 -20.93 -13.05 -30.55
N GLU C 106 -20.30 -12.79 -29.39
CA GLU C 106 -20.91 -11.90 -28.41
C GLU C 106 -20.91 -10.45 -28.87
N LEU C 107 -19.93 -10.06 -29.68
CA LEU C 107 -19.95 -8.72 -30.26
C LEU C 107 -21.03 -8.60 -31.33
N GLN C 108 -21.23 -9.67 -32.10
CA GLN C 108 -22.30 -9.66 -33.11
C GLN C 108 -23.66 -9.58 -32.45
N SER C 109 -23.86 -10.29 -31.34
CA SER C 109 -25.12 -10.17 -30.61
C SER C 109 -25.34 -8.75 -30.12
N MET C 110 -24.27 -8.08 -29.69
CA MET C 110 -24.39 -6.71 -29.23
C MET C 110 -24.71 -5.75 -30.37
N LEU C 111 -24.10 -5.98 -31.55
CA LEU C 111 -24.27 -5.05 -32.66
C LEU C 111 -25.62 -5.23 -33.35
N ASN C 112 -26.20 -6.43 -33.32
CA ASN C 112 -27.53 -6.63 -33.84
C ASN C 112 -28.62 -6.09 -32.92
N GLU C 113 -28.27 -5.70 -31.70
CA GLU C 113 -29.25 -5.13 -30.78
C GLU C 113 -29.73 -3.78 -31.30
N ASP C 114 -31.05 -3.58 -31.27
CA ASP C 114 -31.64 -2.38 -31.86
C ASP C 114 -31.51 -1.17 -30.95
N GLU C 115 -31.48 -1.37 -29.63
CA GLU C 115 -31.37 -0.25 -28.70
C GLU C 115 -29.96 0.32 -28.60
N LEU C 116 -28.98 -0.29 -29.28
CA LEU C 116 -27.62 0.21 -29.33
C LEU C 116 -27.19 0.53 -30.75
N LYS C 117 -28.15 0.61 -31.67
CA LYS C 117 -27.81 0.79 -33.08
C LYS C 117 -27.03 2.07 -33.34
N ASP C 118 -27.26 3.11 -32.52
CA ASP C 118 -26.65 4.41 -32.74
C ASP C 118 -25.43 4.64 -31.86
N ALA C 119 -24.95 3.61 -31.16
CA ALA C 119 -23.79 3.75 -30.28
C ALA C 119 -22.52 3.39 -31.05
N VAL C 120 -21.53 4.29 -31.00
CA VAL C 120 -20.25 4.01 -31.66
C VAL C 120 -19.54 2.87 -30.96
N LEU C 121 -18.66 2.21 -31.70
CA LEU C 121 -17.97 1.02 -31.21
C LEU C 121 -16.47 1.29 -31.12
N LEU C 122 -15.90 1.02 -29.95
CA LEU C 122 -14.46 1.05 -29.74
C LEU C 122 -14.03 -0.36 -29.38
N VAL C 123 -13.09 -0.91 -30.15
CA VAL C 123 -12.54 -2.24 -29.90
C VAL C 123 -11.14 -2.07 -29.33
N LEU C 124 -10.86 -2.79 -28.24
CA LEU C 124 -9.56 -2.72 -27.56
C LEU C 124 -8.93 -4.11 -27.62
N ALA C 125 -7.98 -4.29 -28.53
CA ALA C 125 -7.20 -5.51 -28.61
C ALA C 125 -6.18 -5.49 -27.48
N ASN C 126 -6.58 -6.01 -26.32
CA ASN C 126 -5.82 -5.85 -25.10
C ASN C 126 -4.74 -6.92 -24.96
N LYS C 127 -3.90 -6.74 -23.94
CA LYS C 127 -2.83 -7.69 -23.60
C LYS C 127 -1.84 -7.86 -24.77
N GLN C 128 -1.50 -6.74 -25.41
CA GLN C 128 -0.49 -6.76 -26.46
C GLN C 128 0.91 -7.00 -25.92
N ASP C 129 1.12 -6.84 -24.60
CA ASP C 129 2.42 -7.09 -24.00
C ASP C 129 2.85 -8.54 -24.10
N LEU C 130 1.92 -9.45 -24.35
CA LEU C 130 2.25 -10.86 -24.42
C LEU C 130 2.78 -11.20 -25.81
N PRO C 131 3.80 -12.07 -25.89
CA PRO C 131 4.46 -12.28 -27.19
C PRO C 131 3.57 -12.92 -28.24
N ASN C 132 2.71 -13.86 -27.85
CA ASN C 132 1.84 -14.55 -28.79
C ASN C 132 0.44 -13.95 -28.85
N ALA C 133 0.35 -12.62 -28.70
CA ALA C 133 -0.94 -11.93 -28.75
C ALA C 133 -1.22 -11.45 -30.17
N MET C 134 -2.45 -11.66 -30.61
CA MET C 134 -2.86 -11.20 -31.94
C MET C 134 -2.87 -9.69 -32.01
N ASN C 135 -2.23 -9.12 -33.03
CA ASN C 135 -2.19 -7.68 -33.17
C ASN C 135 -3.56 -7.14 -33.57
N ALA C 136 -3.67 -5.82 -33.66
CA ALA C 136 -4.95 -5.22 -34.02
C ALA C 136 -5.40 -5.60 -35.43
N ALA C 137 -4.47 -6.06 -36.28
CA ALA C 137 -4.83 -6.35 -37.67
C ALA C 137 -5.64 -7.64 -37.79
N GLU C 138 -5.16 -8.73 -37.19
CA GLU C 138 -5.92 -9.97 -37.26
C GLU C 138 -7.07 -10.02 -36.26
N ILE C 139 -6.99 -9.26 -35.16
CA ILE C 139 -8.16 -9.07 -34.32
C ILE C 139 -9.26 -8.39 -35.12
N THR C 140 -8.89 -7.35 -35.88
CA THR C 140 -9.84 -6.74 -36.81
C THR C 140 -10.40 -7.77 -37.78
N GLU C 141 -9.55 -8.67 -38.26
CA GLU C 141 -9.95 -9.65 -39.25
C GLU C 141 -10.89 -10.70 -38.66
N LYS C 142 -10.59 -11.16 -37.43
CA LYS C 142 -11.36 -12.24 -36.84
C LYS C 142 -12.53 -11.77 -36.00
N MET C 143 -12.46 -10.55 -35.44
CA MET C 143 -13.63 -9.98 -34.79
C MET C 143 -14.67 -9.51 -35.78
N GLY C 144 -14.31 -9.38 -37.06
CA GLY C 144 -15.26 -9.00 -38.09
C GLY C 144 -15.69 -7.55 -38.03
N LEU C 145 -14.72 -6.63 -37.98
CA LEU C 145 -15.03 -5.21 -37.91
C LEU C 145 -15.22 -4.59 -39.28
N HIS C 146 -14.67 -5.20 -40.33
CA HIS C 146 -14.85 -4.68 -41.68
C HIS C 146 -16.23 -5.01 -42.25
N SER C 147 -16.93 -5.98 -41.65
CA SER C 147 -18.31 -6.27 -42.01
C SER C 147 -19.30 -5.31 -41.36
N ILE C 148 -18.82 -4.32 -40.60
CA ILE C 148 -19.69 -3.46 -39.82
C ILE C 148 -20.09 -2.26 -40.66
N ARG C 149 -21.38 -2.18 -40.98
CA ARG C 149 -21.99 -1.00 -41.58
C ARG C 149 -23.09 -0.49 -40.67
N ASN C 150 -23.48 0.76 -40.91
CA ASN C 150 -24.46 1.55 -40.14
C ASN C 150 -23.86 2.08 -38.85
N ARG C 151 -22.53 2.04 -38.69
CA ARG C 151 -21.95 2.40 -37.40
C ARG C 151 -20.45 2.70 -37.53
N PRO C 152 -19.99 3.82 -36.96
CA PRO C 152 -18.55 4.06 -36.91
C PRO C 152 -17.90 3.21 -35.82
N TRP C 153 -16.93 2.40 -36.21
CA TRP C 153 -16.20 1.54 -35.30
C TRP C 153 -14.72 1.93 -35.28
N PHE C 154 -13.96 1.49 -34.28
CA PHE C 154 -12.50 1.78 -34.12
C PHE C 154 -11.76 0.72 -33.27
N ILE C 155 -10.65 0.17 -33.72
CA ILE C 155 -9.88 -0.81 -32.96
C ILE C 155 -8.57 -0.17 -32.51
N GLN C 156 -8.17 -0.46 -31.28
CA GLN C 156 -6.96 0.11 -30.71
C GLN C 156 -6.20 -0.97 -29.94
N ALA C 157 -4.93 -1.14 -30.26
CA ALA C 157 -4.09 -2.09 -29.56
C ALA C 157 -3.72 -1.53 -28.18
N THR C 158 -4.06 -2.26 -27.13
CA THR C 158 -3.88 -1.77 -25.77
C THR C 158 -3.16 -2.80 -24.91
N CYS C 159 -2.60 -2.30 -23.82
CA CYS C 159 -2.15 -3.12 -22.70
C CYS C 159 -2.61 -2.40 -21.43
N ALA C 160 -3.75 -2.83 -20.88
CA ALA C 160 -4.35 -2.12 -19.74
C ALA C 160 -3.47 -2.15 -18.51
N THR C 161 -2.51 -3.09 -18.44
CA THR C 161 -1.61 -3.15 -17.29
C THR C 161 -0.80 -1.86 -17.15
N THR C 162 -0.21 -1.41 -18.25
CA THR C 162 0.55 -0.17 -18.27
C THR C 162 -0.23 1.01 -18.82
N GLY C 163 -1.44 0.79 -19.31
CA GLY C 163 -2.21 1.84 -19.93
C GLY C 163 -1.81 2.17 -21.35
N ASP C 164 -0.88 1.42 -21.92
CA ASP C 164 -0.50 1.60 -23.32
C ASP C 164 -1.70 1.48 -24.22
N GLY C 165 -1.97 2.54 -24.99
CA GLY C 165 -3.02 2.53 -25.98
C GLY C 165 -4.39 2.96 -25.49
N LEU C 166 -4.63 2.96 -24.19
CA LEU C 166 -5.96 3.32 -23.68
C LEU C 166 -6.32 4.76 -24.01
N TYR C 167 -5.33 5.66 -23.98
CA TYR C 167 -5.59 7.06 -24.26
C TYR C 167 -6.00 7.27 -25.72
N GLU C 168 -5.22 6.69 -26.65
CA GLU C 168 -5.53 6.88 -28.06
C GLU C 168 -6.89 6.30 -28.43
N GLY C 169 -7.29 5.21 -27.76
CA GLY C 169 -8.61 4.65 -28.04
C GLY C 169 -9.73 5.45 -27.41
N LEU C 170 -9.54 5.89 -26.16
CA LEU C 170 -10.55 6.71 -25.50
C LEU C 170 -10.62 8.12 -26.07
N GLU C 171 -9.54 8.61 -26.67
CA GLU C 171 -9.60 9.90 -27.34
C GLU C 171 -10.52 9.83 -28.56
N TRP C 172 -10.45 8.74 -29.32
CA TRP C 172 -11.39 8.53 -30.42
C TRP C 172 -12.82 8.48 -29.90
N LEU C 173 -13.04 7.75 -28.80
CA LEU C 173 -14.36 7.72 -28.18
C LEU C 173 -14.76 9.11 -27.67
N SER C 174 -13.78 9.92 -27.29
CA SER C 174 -14.10 11.26 -26.76
C SER C 174 -14.72 12.15 -27.82
N ASN C 175 -14.25 12.06 -29.07
CA ASN C 175 -14.72 13.01 -30.07
C ASN C 175 -15.95 12.53 -30.80
N GLN C 176 -16.23 11.24 -30.74
CA GLN C 176 -17.40 10.70 -31.40
C GLN C 176 -18.59 11.01 -30.57
N VAL C 177 -18.41 11.00 -29.26
CA VAL C 177 -19.52 11.29 -28.34
C VAL C 177 -19.26 12.57 -27.56
N GLY C 178 -18.14 13.23 -27.86
CA GLY C 178 -17.79 14.47 -27.17
C GLY C 178 -18.90 15.49 -27.22
N LEU D 8 2.93 22.95 27.50
CA LEU D 8 3.71 23.61 26.46
C LEU D 8 5.20 23.45 26.73
N PHE D 9 5.83 22.50 26.03
CA PHE D 9 7.21 22.14 26.31
C PHE D 9 8.17 23.31 26.05
N ALA D 10 7.88 24.15 25.06
CA ALA D 10 8.77 25.27 24.74
C ALA D 10 8.89 26.25 25.90
N SER D 11 7.93 26.24 26.83
CA SER D 11 8.02 27.08 28.01
C SER D 11 9.05 26.55 29.01
N LEU D 12 9.27 25.24 29.03
CA LEU D 12 9.98 24.60 30.12
C LEU D 12 11.49 24.80 30.02
N LEU D 13 12.04 24.55 28.85
CA LEU D 13 13.49 24.55 28.65
C LEU D 13 14.05 25.94 28.37
N GLY D 14 13.22 26.98 28.43
CA GLY D 14 13.73 28.34 28.33
C GLY D 14 14.66 28.73 29.46
N ARG D 15 14.70 27.95 30.52
CA ARG D 15 15.59 28.22 31.66
C ARG D 15 17.01 27.77 31.35
N MET D 18 23.04 21.50 28.67
CA MET D 18 23.45 22.00 27.36
C MET D 18 23.27 20.92 26.29
N ARG D 19 23.31 19.66 26.70
CA ARG D 19 23.15 18.53 25.79
C ARG D 19 22.19 17.53 26.42
N ILE D 20 21.06 17.31 25.78
CA ILE D 20 20.11 16.29 26.19
C ILE D 20 20.22 15.13 25.21
N LEU D 21 20.66 13.98 25.70
CA LEU D 21 20.77 12.79 24.89
C LEU D 21 19.48 11.99 24.98
N MET D 22 18.96 11.61 23.81
CA MET D 22 17.77 10.80 23.75
C MET D 22 18.18 9.61 22.91
N VAL D 23 18.03 8.41 23.47
CA VAL D 23 18.37 7.20 22.74
C VAL D 23 17.30 6.14 22.98
N GLY D 24 17.40 5.06 22.22
CA GLY D 24 16.44 3.98 22.28
C GLY D 24 16.46 3.19 20.99
N LEU D 25 15.72 2.08 21.01
CA LEU D 25 15.61 1.25 19.83
C LEU D 25 14.88 2.01 18.72
N ASP D 26 15.03 1.53 17.49
CA ASP D 26 14.31 2.12 16.37
C ASP D 26 12.81 1.92 16.55
N ALA D 27 12.05 2.84 15.96
CA ALA D 27 10.58 2.86 16.05
C ALA D 27 10.07 3.02 17.48
N ALA D 28 10.88 3.60 18.37
CA ALA D 28 10.45 3.86 19.74
C ALA D 28 9.68 5.16 19.89
N GLY D 29 9.75 6.04 18.90
CA GLY D 29 9.09 7.32 18.96
C GLY D 29 10.00 8.51 19.21
N LYS D 30 11.31 8.37 19.02
CA LYS D 30 12.22 9.45 19.35
C LYS D 30 12.06 10.63 18.39
N THR D 31 12.01 10.35 17.09
CA THR D 31 11.75 11.41 16.12
C THR D 31 10.40 12.08 16.39
N THR D 32 9.41 11.28 16.79
CA THR D 32 8.08 11.84 17.08
C THR D 32 8.13 12.80 18.26
N ILE D 33 8.94 12.47 19.27
CA ILE D 33 9.02 13.35 20.44
C ILE D 33 9.80 14.62 20.10
N LEU D 34 10.89 14.48 19.35
CA LEU D 34 11.64 15.64 18.88
C LEU D 34 10.72 16.66 18.20
N TYR D 35 9.82 16.17 17.34
CA TYR D 35 8.89 17.05 16.64
C TYR D 35 7.88 17.68 17.60
N LYS D 36 7.59 17.03 18.72
CA LYS D 36 6.63 17.58 19.67
C LYS D 36 7.24 18.66 20.55
N LEU D 37 8.56 18.64 20.74
CA LEU D 37 9.21 19.69 21.53
C LEU D 37 8.94 21.07 20.94
N LYS D 38 8.93 21.16 19.62
CA LYS D 38 8.72 22.42 18.91
C LYS D 38 9.74 23.48 19.35
N LEU D 39 10.98 23.05 19.53
CA LEU D 39 12.08 23.93 19.88
C LEU D 39 12.97 24.25 18.68
N GLY D 40 12.65 23.72 17.51
CA GLY D 40 13.44 23.99 16.31
C GLY D 40 13.36 22.82 15.36
N GLU D 41 14.00 23.02 14.21
CA GLU D 41 13.99 22.02 13.16
C GLU D 41 14.79 20.80 13.56
N ILE D 42 14.25 19.62 13.27
CA ILE D 42 14.99 18.37 13.40
C ILE D 42 15.96 18.26 12.23
N VAL D 43 17.25 18.19 12.52
CA VAL D 43 18.29 18.11 11.50
C VAL D 43 18.90 16.73 11.57
N THR D 44 18.87 16.01 10.44
CA THR D 44 19.50 14.69 10.35
C THR D 44 20.90 14.85 9.80
N THR D 45 21.87 14.21 10.46
CA THR D 45 23.25 14.25 10.02
C THR D 45 23.86 12.86 10.13
N ILE D 46 24.84 12.58 9.29
CA ILE D 46 25.52 11.29 9.29
C ILE D 46 26.99 11.52 9.59
N PRO D 47 27.39 11.57 10.86
CA PRO D 47 28.82 11.80 11.17
C PRO D 47 29.72 10.73 10.57
N THR D 48 29.39 9.46 10.79
CA THR D 48 30.07 8.34 10.15
C THR D 48 29.03 7.40 9.58
N ILE D 49 29.47 6.51 8.68
CA ILE D 49 28.57 5.56 8.05
C ILE D 49 27.80 4.78 9.11
N GLY D 50 26.54 4.50 8.82
CA GLY D 50 25.71 3.71 9.71
C GLY D 50 25.34 4.40 11.01
N PHE D 51 25.72 5.65 11.19
CA PHE D 51 25.40 6.40 12.41
C PHE D 51 24.60 7.63 12.01
N ASN D 52 23.29 7.57 12.17
CA ASN D 52 22.40 8.66 11.83
C ASN D 52 21.97 9.38 13.11
N VAL D 53 22.08 10.71 13.09
CA VAL D 53 21.87 11.53 14.28
C VAL D 53 20.86 12.62 13.95
N GLU D 54 19.79 12.69 14.73
CA GLU D 54 18.80 13.75 14.62
C GLU D 54 19.03 14.74 15.76
N THR D 55 19.09 16.02 15.42
CA THR D 55 19.47 17.06 16.37
C THR D 55 18.48 18.22 16.31
N VAL D 56 18.07 18.69 17.48
CA VAL D 56 17.23 19.88 17.63
C VAL D 56 17.95 20.82 18.59
N GLU D 57 18.40 21.96 18.08
CA GLU D 57 19.13 22.94 18.87
C GLU D 57 18.24 24.14 19.14
N TYR D 58 18.05 24.48 20.41
CA TYR D 58 17.33 25.67 20.82
C TYR D 58 18.26 26.49 21.71
N LYS D 59 18.98 27.43 21.09
CA LYS D 59 19.93 28.29 21.78
C LYS D 59 20.96 27.46 22.54
N ASN D 60 20.79 27.37 23.87
CA ASN D 60 21.77 26.67 24.70
C ASN D 60 21.71 25.17 24.53
N ILE D 61 20.52 24.62 24.31
CA ILE D 61 20.26 23.20 24.48
C ILE D 61 20.40 22.45 23.16
N SER D 62 20.93 21.23 23.23
CA SER D 62 21.09 20.36 22.08
C SER D 62 20.39 19.04 22.37
N PHE D 63 19.38 18.72 21.58
CA PHE D 63 18.65 17.46 21.70
C PHE D 63 19.20 16.48 20.66
N THR D 64 20.14 15.63 21.09
CA THR D 64 20.75 14.65 20.21
C THR D 64 19.99 13.33 20.29
N VAL D 65 19.75 12.72 19.13
CA VAL D 65 18.97 11.49 19.04
C VAL D 65 19.65 10.54 18.06
N TRP D 66 19.87 9.31 18.49
CA TRP D 66 20.31 8.24 17.60
C TRP D 66 19.74 6.92 18.09
N ASP D 67 19.63 5.96 17.18
CA ASP D 67 19.13 4.64 17.51
C ASP D 67 20.23 3.79 18.13
N VAL D 68 19.82 2.91 19.05
CA VAL D 68 20.70 1.94 19.67
C VAL D 68 20.10 0.55 19.46
N GLY D 69 20.93 -0.46 19.73
CA GLY D 69 20.50 -1.84 19.58
C GLY D 69 21.05 -2.52 18.32
N ARG D 75 30.10 2.41 19.55
CA ARG D 75 31.28 3.07 19.01
C ARG D 75 31.81 4.08 20.01
N PRO D 76 33.14 4.10 20.20
CA PRO D 76 33.74 4.94 21.26
C PRO D 76 33.45 6.44 21.13
N LEU D 77 32.74 6.87 20.07
CA LEU D 77 32.65 8.30 19.80
C LEU D 77 31.34 8.91 20.25
N TRP D 78 30.43 8.08 20.76
CA TRP D 78 29.36 8.57 21.60
C TRP D 78 29.88 9.42 22.76
N ARG D 79 31.09 9.14 23.23
CA ARG D 79 31.58 9.82 24.44
C ARG D 79 31.92 11.29 24.19
N TYR D 80 32.02 11.72 22.93
CA TYR D 80 32.17 13.15 22.68
C TYR D 80 30.83 13.87 22.64
N TYR D 81 29.73 13.14 22.41
CA TYR D 81 28.40 13.65 22.71
C TYR D 81 28.13 13.66 24.20
N PHE D 82 28.89 12.88 24.97
CA PHE D 82 28.61 12.70 26.38
C PHE D 82 29.23 13.80 27.25
N GLN D 83 30.13 14.61 26.69
CA GLN D 83 30.97 15.48 27.51
C GLN D 83 30.14 16.32 28.47
N ASN D 84 29.14 17.03 27.95
CA ASN D 84 28.29 17.89 28.76
C ASN D 84 26.81 17.51 28.62
N THR D 85 26.54 16.21 28.64
CA THR D 85 25.18 15.70 28.67
C THR D 85 24.69 15.64 30.10
N GLN D 86 23.66 16.43 30.40
CA GLN D 86 23.13 16.51 31.76
C GLN D 86 21.93 15.61 32.01
N GLY D 87 21.34 15.06 30.96
CA GLY D 87 20.24 14.11 31.11
C GLY D 87 20.05 13.26 29.88
N ILE D 88 19.74 11.98 30.07
CA ILE D 88 19.47 11.07 28.95
C ILE D 88 18.02 10.61 29.05
N ILE D 89 17.34 10.64 27.91
CA ILE D 89 15.93 10.25 27.80
C ILE D 89 15.90 8.94 27.02
N PHE D 90 15.69 7.83 27.71
CA PHE D 90 15.62 6.53 27.05
C PHE D 90 14.17 6.24 26.68
N VAL D 91 13.93 6.17 25.37
CA VAL D 91 12.61 5.89 24.83
C VAL D 91 12.51 4.42 24.52
N VAL D 92 11.39 3.80 24.88
CA VAL D 92 11.16 2.38 24.62
C VAL D 92 9.71 2.20 24.22
N ASP D 93 9.48 1.43 23.15
CA ASP D 93 8.13 1.08 22.71
C ASP D 93 7.52 0.10 23.69
N SER D 94 6.55 0.56 24.48
CA SER D 94 5.90 -0.28 25.47
C SER D 94 5.14 -1.43 24.84
N ASN D 95 4.85 -1.37 23.54
CA ASN D 95 4.12 -2.44 22.86
C ASN D 95 5.02 -3.51 22.28
N ASP D 96 6.33 -3.23 22.13
CA ASP D 96 7.26 -4.18 21.54
C ASP D 96 7.76 -5.11 22.63
N ARG D 97 7.03 -6.19 22.87
CA ARG D 97 7.41 -7.15 23.90
C ARG D 97 8.58 -8.03 23.46
N ASP D 98 8.74 -8.23 22.15
CA ASP D 98 9.80 -9.12 21.67
C ASP D 98 11.18 -8.50 21.84
N ARG D 99 11.28 -7.17 21.86
CA ARG D 99 12.56 -6.48 21.95
C ARG D 99 12.72 -5.68 23.23
N ILE D 100 11.83 -5.84 24.20
CA ILE D 100 11.92 -5.06 25.44
C ILE D 100 13.23 -5.35 26.17
N ASN D 101 13.69 -6.60 26.03
CA ASN D 101 14.95 -7.11 26.61
C ASN D 101 16.23 -6.49 26.05
N GLU D 102 16.26 -6.34 24.74
CA GLU D 102 17.34 -5.66 24.05
C GLU D 102 17.41 -4.20 24.46
N ALA D 103 16.25 -3.58 24.70
CA ALA D 103 16.23 -2.20 25.17
C ALA D 103 16.83 -2.08 26.57
N ARG D 104 16.65 -3.09 27.43
CA ARG D 104 17.24 -3.04 28.75
C ARG D 104 18.75 -3.18 28.69
N GLU D 105 19.25 -4.04 27.78
CA GLU D 105 20.70 -4.18 27.62
C GLU D 105 21.32 -2.89 27.12
N GLU D 106 20.67 -2.21 26.17
CA GLU D 106 21.22 -0.98 25.62
C GLU D 106 21.14 0.16 26.64
N LEU D 107 20.15 0.14 27.52
CA LEU D 107 20.12 1.12 28.60
C LEU D 107 21.19 0.83 29.63
N GLN D 108 21.46 -0.45 29.90
CA GLN D 108 22.52 -0.82 30.83
C GLN D 108 23.89 -0.40 30.29
N SER D 109 24.09 -0.56 28.98
CA SER D 109 25.34 -0.10 28.38
C SER D 109 25.50 1.41 28.53
N MET D 110 24.39 2.14 28.41
CA MET D 110 24.45 3.60 28.55
C MET D 110 24.72 4.00 30.00
N LEU D 111 24.10 3.31 30.96
CA LEU D 111 24.25 3.66 32.36
C LEU D 111 25.62 3.28 32.92
N ASN D 112 26.24 2.23 32.36
CA ASN D 112 27.59 1.85 32.75
C ASN D 112 28.66 2.73 32.14
N GLU D 113 28.29 3.61 31.21
CA GLU D 113 29.26 4.54 30.63
C GLU D 113 29.73 5.53 31.68
N ASP D 114 31.05 5.62 31.86
CA ASP D 114 31.61 6.51 32.86
C ASP D 114 31.41 7.99 32.50
N GLU D 115 31.23 8.30 31.23
CA GLU D 115 31.11 9.68 30.77
C GLU D 115 29.71 10.24 30.93
N LEU D 116 28.75 9.45 31.39
CA LEU D 116 27.40 9.94 31.65
C LEU D 116 26.90 9.53 33.04
N LYS D 117 27.80 9.17 33.94
CA LYS D 117 27.40 8.78 35.29
C LYS D 117 26.68 9.90 36.01
N ASP D 118 26.89 11.16 35.61
CA ASP D 118 26.33 12.31 36.29
C ASP D 118 25.08 12.86 35.60
N ALA D 119 24.58 12.20 34.56
CA ALA D 119 23.42 12.65 33.83
C ALA D 119 22.17 11.96 34.35
N VAL D 120 21.13 12.75 34.66
CA VAL D 120 19.89 12.16 35.13
C VAL D 120 19.24 11.35 34.01
N LEU D 121 18.35 10.44 34.40
CA LEU D 121 17.71 9.52 33.46
C LEU D 121 16.21 9.73 33.46
N LEU D 122 15.67 9.98 32.27
CA LEU D 122 14.22 9.99 32.05
C LEU D 122 13.86 8.83 31.15
N VAL D 123 12.92 8.00 31.61
CA VAL D 123 12.44 6.84 30.86
C VAL D 123 11.04 7.14 30.38
N LEU D 124 10.81 7.00 29.08
CA LEU D 124 9.51 7.26 28.48
C LEU D 124 8.95 5.94 27.95
N ALA D 125 8.00 5.37 28.69
CA ALA D 125 7.27 4.18 28.25
C ALA D 125 6.23 4.62 27.23
N ASN D 126 6.63 4.63 25.96
CA ASN D 126 5.85 5.24 24.91
C ASN D 126 4.82 4.28 24.33
N LYS D 127 3.94 4.82 23.49
CA LYS D 127 2.90 4.06 22.80
C LYS D 127 1.94 3.39 23.78
N GLN D 128 1.55 4.14 24.82
CA GLN D 128 0.56 3.65 25.77
C GLN D 128 -0.85 3.61 25.17
N ASP D 129 -1.06 4.26 24.03
CA ASP D 129 -2.37 4.22 23.39
C ASP D 129 -2.74 2.84 22.88
N LEU D 130 -1.77 1.95 22.74
CA LEU D 130 -2.01 0.61 22.22
C LEU D 130 -2.51 -0.30 23.35
N PRO D 131 -3.49 -1.16 23.06
CA PRO D 131 -4.15 -1.90 24.16
C PRO D 131 -3.24 -2.88 24.87
N ASN D 132 -2.34 -3.56 24.15
CA ASN D 132 -1.44 -4.53 24.76
C ASN D 132 -0.06 -3.94 25.05
N ALA D 133 0.01 -2.64 25.33
CA ALA D 133 1.27 -2.00 25.69
C ALA D 133 1.53 -2.15 27.18
N MET D 134 2.79 -2.41 27.51
CA MET D 134 3.18 -2.56 28.91
C MET D 134 3.14 -1.20 29.60
N ASN D 135 2.47 -1.14 30.75
CA ASN D 135 2.37 0.11 31.49
C ASN D 135 3.72 0.46 32.12
N ALA D 136 3.78 1.63 32.75
CA ALA D 136 5.02 2.09 33.35
C ALA D 136 5.48 1.19 34.49
N ALA D 137 4.59 0.39 35.06
CA ALA D 137 4.97 -0.45 36.19
C ALA D 137 5.83 -1.64 35.74
N GLU D 138 5.38 -2.37 34.72
CA GLU D 138 6.17 -3.51 34.27
C GLU D 138 7.35 -3.08 33.41
N ILE D 139 7.25 -1.95 32.71
CA ILE D 139 8.42 -1.37 32.07
C ILE D 139 9.47 -1.03 33.13
N THR D 140 9.05 -0.44 34.24
CA THR D 140 9.93 -0.23 35.38
C THR D 140 10.56 -1.55 35.82
N GLU D 141 9.75 -2.60 35.88
CA GLU D 141 10.23 -3.89 36.39
C GLU D 141 11.23 -4.53 35.43
N LYS D 142 10.94 -4.52 34.14
CA LYS D 142 11.73 -5.23 33.16
C LYS D 142 12.83 -4.39 32.53
N MET D 143 12.94 -3.11 32.90
CA MET D 143 14.12 -2.31 32.59
C MET D 143 15.08 -2.21 33.77
N GLY D 144 14.70 -2.72 34.94
CA GLY D 144 15.51 -2.63 36.14
C GLY D 144 15.70 -1.20 36.61
N LEU D 145 14.69 -0.41 36.57
CA LEU D 145 14.89 0.92 37.02
C LEU D 145 15.16 0.93 38.49
N HIS D 146 14.52 0.04 39.24
CA HIS D 146 14.60 0.08 40.67
C HIS D 146 15.91 -0.43 40.98
N SER D 147 16.84 0.08 40.23
CA SER D 147 18.16 -0.45 40.58
C SER D 147 19.17 0.67 40.45
N ILE D 148 18.92 1.58 39.52
CA ILE D 148 19.81 2.71 39.28
C ILE D 148 20.40 3.23 40.58
N ARG D 149 21.73 3.30 40.65
CA ARG D 149 22.39 3.76 41.86
C ARG D 149 23.28 4.98 41.70
N ASN D 150 23.11 5.94 42.59
CA ASN D 150 23.91 7.16 42.61
C ASN D 150 23.28 8.12 41.59
N ARG D 151 22.36 7.61 40.78
CA ARG D 151 21.72 8.45 39.78
C ARG D 151 20.21 8.58 40.00
N PRO D 152 19.67 9.80 39.90
CA PRO D 152 18.21 9.96 39.96
C PRO D 152 17.60 9.60 38.62
N TRP D 153 16.58 8.75 38.66
CA TRP D 153 15.96 8.33 37.42
C TRP D 153 14.47 8.57 37.47
N PHE D 154 13.84 8.45 36.31
CA PHE D 154 12.41 8.64 36.24
C PHE D 154 11.81 7.88 35.07
N ILE D 155 10.56 7.49 35.27
CA ILE D 155 9.76 6.84 34.25
C ILE D 155 8.41 7.54 34.10
N GLN D 156 8.01 7.74 32.85
CA GLN D 156 6.78 8.43 32.50
C GLN D 156 6.07 7.68 31.37
N ALA D 157 4.81 7.32 31.59
CA ALA D 157 4.01 6.70 30.54
C ALA D 157 3.62 7.77 29.52
N THR D 158 3.97 7.56 28.26
CA THR D 158 3.76 8.56 27.23
C THR D 158 3.04 7.96 26.03
N CYS D 159 2.51 8.85 25.20
CA CYS D 159 2.04 8.53 23.86
C CYS D 159 2.46 9.71 22.98
N ALA D 160 3.58 9.56 22.27
CA ALA D 160 4.14 10.67 21.51
C ALA D 160 3.21 11.10 20.38
N THR D 161 2.36 10.19 19.89
CA THR D 161 1.26 10.50 18.97
C THR D 161 0.56 11.79 19.36
N THR D 162 -0.11 11.75 20.51
CA THR D 162 -0.85 12.89 21.03
C THR D 162 -0.04 13.73 22.00
N GLY D 163 1.18 13.30 22.35
CA GLY D 163 1.92 14.00 23.38
C GLY D 163 1.42 13.76 24.77
N ASP D 164 0.72 12.63 24.99
CA ASP D 164 0.09 12.29 26.25
C ASP D 164 1.17 11.84 27.23
N GLY D 165 1.72 12.78 27.99
CA GLY D 165 2.70 12.49 29.02
C GLY D 165 4.07 13.11 28.79
N LEU D 166 4.33 13.67 27.61
CA LEU D 166 5.63 14.29 27.37
C LEU D 166 5.88 15.46 28.30
N TYR D 167 4.81 16.18 28.68
CA TYR D 167 4.98 17.34 29.54
C TYR D 167 5.43 16.94 30.95
N GLU D 168 4.73 15.98 31.56
CA GLU D 168 5.08 15.59 32.92
C GLU D 168 6.45 14.96 32.99
N GLY D 169 6.87 14.24 31.95
CA GLY D 169 8.20 13.67 31.93
C GLY D 169 9.28 14.73 31.76
N LEU D 170 9.07 15.65 30.81
CA LEU D 170 10.05 16.69 30.58
C LEU D 170 10.05 17.76 31.66
N GLU D 171 8.97 17.86 32.45
CA GLU D 171 8.97 18.78 33.57
C GLU D 171 9.90 18.30 34.67
N TRP D 172 9.89 16.99 34.96
CA TRP D 172 10.86 16.42 35.89
C TRP D 172 12.28 16.65 35.39
N LEU D 173 12.50 16.47 34.08
CA LEU D 173 13.81 16.75 33.49
C LEU D 173 14.15 18.23 33.57
N SER D 174 13.15 19.11 33.47
CA SER D 174 13.40 20.54 33.59
C SER D 174 13.95 20.89 34.97
N ASN D 175 13.54 20.15 35.99
CA ASN D 175 13.87 20.46 37.38
C ASN D 175 15.24 19.94 37.81
N GLN D 176 15.66 18.78 37.29
CA GLN D 176 16.95 18.23 37.68
C GLN D 176 18.11 19.08 37.17
N VAL D 177 17.88 19.86 36.11
CA VAL D 177 18.92 20.65 35.46
C VAL D 177 18.67 22.12 35.71
N GLY D 178 19.73 22.86 36.02
CA GLY D 178 19.64 24.29 36.26
C GLY D 178 18.94 24.67 37.55
PB GDP E . -16.59 -15.04 -6.00
O1B GDP E . -16.16 -15.74 -4.73
O2B GDP E . -15.58 -15.30 -7.10
O3B GDP E . -16.70 -13.56 -5.74
O3A GDP E . -18.00 -15.66 -6.47
PA GDP E . -19.24 -14.74 -6.88
O1A GDP E . -19.86 -14.06 -5.67
O2A GDP E . -18.85 -13.72 -7.94
O5' GDP E . -20.24 -15.84 -7.47
C5' GDP E . -19.83 -16.62 -8.59
C4' GDP E . -21.04 -17.43 -9.02
O4' GDP E . -21.44 -18.30 -7.96
C3' GDP E . -22.19 -16.48 -9.30
O3' GDP E . -22.64 -16.64 -10.65
C2' GDP E . -23.29 -16.87 -8.32
O2' GDP E . -24.55 -16.93 -8.96
C1' GDP E . -22.86 -18.24 -7.81
N9 GDP E . -23.27 -18.42 -6.40
C8 GDP E . -22.87 -17.68 -5.35
N7 GDP E . -23.43 -18.13 -4.20
C5 GDP E . -24.19 -19.20 -4.51
C6 GDP E . -25.05 -20.15 -3.76
O6 GDP E . -25.19 -20.04 -2.52
N1 GDP E . -25.66 -21.12 -4.46
C2 GDP E . -25.51 -21.25 -5.79
N2 GDP E . -26.16 -22.26 -6.42
N3 GDP E . -24.74 -20.41 -6.53
C4 GDP E . -24.07 -19.39 -5.95
PB GDP F . 16.77 5.23 3.89
O1B GDP F . 15.78 4.47 4.76
O2B GDP F . 16.34 5.11 2.44
O3B GDP F . 16.84 6.68 4.28
O3A GDP F . 18.20 4.53 4.06
PA GDP F . 19.44 5.27 4.78
O1A GDP F . 19.06 5.76 6.16
O2A GDP F . 19.99 6.39 3.95
O5' GDP F . 20.49 4.07 4.86
C5' GDP F . 20.15 2.89 5.60
C4' GDP F . 21.41 2.04 5.66
O4' GDP F . 21.82 1.70 4.34
C3' GDP F . 22.52 2.85 6.29
O3' GDP F . 23.01 2.18 7.46
C2' GDP F . 23.61 2.93 5.24
O2' GDP F . 24.90 2.69 5.82
C1' GDP F . 23.24 1.86 4.23
N9 GDP F . 23.63 2.26 2.87
C8 GDP F . 23.21 3.35 2.20
N7 GDP F . 23.76 3.42 0.96
C5 GDP F . 24.57 2.35 0.83
C6 GDP F . 25.46 1.82 -0.22
O6 GDP F . 25.59 2.40 -1.31
N1 GDP F . 26.12 0.67 0.04
C2 GDP F . 26.00 0.03 1.21
N2 GDP F . 26.70 -1.13 1.41
N3 GDP F . 25.20 0.46 2.21
C4 GDP F . 24.48 1.59 2.09
PB GDP G . -12.25 -8.67 -16.63
O1B GDP G . -12.69 -7.70 -15.56
O2B GDP G . -12.91 -10.02 -16.43
O3B GDP G . -12.62 -8.13 -17.99
O3A GDP G . -10.65 -8.86 -16.59
PA GDP G . -9.76 -8.13 -15.47
O1A GDP G . -10.28 -8.45 -14.08
O2A GDP G . -9.67 -6.64 -15.69
O5' GDP G . -8.33 -8.82 -15.73
C5' GDP G . -8.09 -10.14 -15.24
C4' GDP G . -6.61 -10.43 -15.31
O4' GDP G . -6.11 -10.07 -16.61
C3' GDP G . -5.85 -9.59 -14.29
O3' GDP G . -5.28 -10.44 -13.29
C2' GDP G . -4.76 -8.87 -15.06
O2' GDP G . -3.48 -9.15 -14.49
C1' GDP G . -4.84 -9.43 -16.48
N9 GDP G . -4.70 -8.35 -17.50
C8 GDP G . -5.56 -7.35 -17.74
N7 GDP G . -5.13 -6.55 -18.74
C5 GDP G . -3.95 -7.05 -19.17
C6 GDP G . -2.93 -6.70 -20.19
O6 GDP G . -3.08 -5.71 -20.93
N1 GDP G . -1.86 -7.48 -20.29
C2 GDP G . -1.66 -8.56 -19.51
N2 GDP G . -0.53 -9.30 -19.69
N3 GDP G . -2.54 -8.94 -18.56
C4 GDP G . -3.68 -8.23 -18.34
PB GDP H . 12.29 6.47 16.17
O1B GDP H . 12.67 6.40 17.64
O2B GDP H . 12.99 5.37 15.42
O3B GDP H . 12.68 7.82 15.60
O3A GDP H . 10.70 6.26 16.06
PA GDP H . 9.78 7.32 15.29
O1A GDP H . 9.61 8.59 16.08
O2A GDP H . 10.32 7.59 13.92
O5' GDP H . 8.39 6.51 15.22
C5' GDP H . 8.21 5.50 14.23
C4' GDP H . 6.74 5.13 14.17
O4' GDP H . 6.25 4.89 15.48
C3' GDP H . 5.93 6.27 13.57
O3' GDP H . 5.36 5.85 12.33
C2' GDP H . 4.85 6.57 14.59
O2' GDP H . 3.55 6.55 13.96
C1' GDP H . 4.95 5.48 15.63
N9 GDP H . 4.78 6.03 17.00
C8 GDP H . 5.61 6.86 17.64
N7 GDP H . 5.15 7.17 18.87
C5 GDP H . 3.98 6.50 19.04
C6 GDP H . 2.98 6.37 20.11
O6 GDP H . 3.10 6.97 21.19
N1 GDP H . 1.91 5.59 19.88
C2 GDP H . 1.75 4.92 18.71
N2 GDP H . 0.64 4.15 18.55
N3 GDP H . 2.63 5.00 17.69
C4 GDP H . 3.75 5.76 17.80
#